data_8CUG
# 
_entry.id   8CUG 
# 
_audit_conform.dict_name       mmcif_pdbx.dic 
_audit_conform.dict_version    5.381 
_audit_conform.dict_location   http://mmcif.pdb.org/dictionaries/ascii/mmcif_pdbx.dic 
# 
loop_
_database_2.database_id 
_database_2.database_code 
_database_2.pdbx_database_accession 
_database_2.pdbx_DOI 
PDB   8CUG         pdb_00008cug 10.2210/pdb8cug/pdb 
WWPDB D_1000265477 ?            ?                   
# 
_pdbx_database_status.status_code                     REL 
_pdbx_database_status.status_code_sf                  REL 
_pdbx_database_status.status_code_mr                  ? 
_pdbx_database_status.entry_id                        8CUG 
_pdbx_database_status.recvd_initial_deposition_date   2022-05-17 
_pdbx_database_status.SG_entry                        N 
_pdbx_database_status.deposit_site                    RCSB 
_pdbx_database_status.process_site                    RCSB 
_pdbx_database_status.status_code_cs                  ? 
_pdbx_database_status.status_code_nmr_data            ? 
_pdbx_database_status.methods_development_category    ? 
_pdbx_database_status.pdb_format_compatible           Y 
# 
loop_
_audit_author.name 
_audit_author.pdbx_ordinal 
_audit_author.identifier_ORCID 
'Kreutzer, A.G.' 1 0000-0002-9724-6298 
'Li, X.'         2 0000-0002-3032-4255 
'Krumberger, M.' 3 0000-0003-2301-1784 
'Nowick, J.S.'   4 0000-0002-2273-1029 
# 
_citation.abstract                  ? 
_citation.abstract_id_CAS           ? 
_citation.book_id_ISBN              ? 
_citation.book_publisher            ? 
_citation.book_publisher_city       ? 
_citation.book_title                ? 
_citation.coordinate_linkage        ? 
_citation.country                   US 
_citation.database_id_Medline       ? 
_citation.details                   ? 
_citation.id                        primary 
_citation.journal_abbrev            J.Org.Chem. 
_citation.journal_id_ASTM           JOCEAH 
_citation.journal_id_CSD            0035 
_citation.journal_id_ISSN           0022-3263 
_citation.journal_full              ? 
_citation.journal_issue             ? 
_citation.journal_volume            88 
_citation.language                  ? 
_citation.page_first                2214 
_citation.page_last                 2220 
_citation.title                     'Synthesis and Stereochemical Determination of the Peptide Antibiotic Novo29.' 
_citation.year                      2023 
_citation.database_id_CSD           ? 
_citation.pdbx_database_id_DOI      10.1021/acs.joc.2c02648 
_citation.pdbx_database_id_PubMed   36655882 
_citation.pdbx_database_id_patent   ? 
_citation.unpublished_flag          ? 
# 
loop_
_citation_author.citation_id 
_citation_author.name 
_citation_author.ordinal 
_citation_author.identifier_ORCID 
primary 'Krumberger, M.'   1  ? 
primary 'Li, X.'           2  ? 
primary 'Kreutzer, A.G.'   3  ? 
primary 'Peoples, A.J.'    4  ? 
primary 'Nitti, A.G.'      5  ? 
primary 'Cunningham, A.M.' 6  ? 
primary 'Jones, C.R.'      7  ? 
primary 'Achorn, C.'       8  ? 
primary 'Ling, L.L.'       9  ? 
primary 'Hughes, D.E.'     10 ? 
primary 'Nowick, J.S.'     11 ? 
# 
_cell.angle_alpha                  90.000 
_cell.angle_alpha_esd              ? 
_cell.angle_beta                   90.000 
_cell.angle_beta_esd               ? 
_cell.angle_gamma                  90.000 
_cell.angle_gamma_esd              ? 
_cell.entry_id                     8CUG 
_cell.details                      ? 
_cell.formula_units_Z              ? 
_cell.length_a                     12.105 
_cell.length_a_esd                 ? 
_cell.length_b                     31.898 
_cell.length_b_esd                 ? 
_cell.length_c                     37.101 
_cell.length_c_esd                 ? 
_cell.volume                       ? 
_cell.volume_esd                   ? 
_cell.Z_PDB                        8 
_cell.reciprocal_angle_alpha       ? 
_cell.reciprocal_angle_beta        ? 
_cell.reciprocal_angle_gamma       ? 
_cell.reciprocal_angle_alpha_esd   ? 
_cell.reciprocal_angle_beta_esd    ? 
_cell.reciprocal_angle_gamma_esd   ? 
_cell.reciprocal_length_a          ? 
_cell.reciprocal_length_b          ? 
_cell.reciprocal_length_c          ? 
_cell.reciprocal_length_a_esd      ? 
_cell.reciprocal_length_b_esd      ? 
_cell.reciprocal_length_c_esd      ? 
_cell.pdbx_unique_axis             ? 
_cell.pdbx_esd_method              ? 
# 
_symmetry.entry_id                         8CUG 
_symmetry.cell_setting                     ? 
_symmetry.Int_Tables_number                19 
_symmetry.space_group_name_Hall            ? 
_symmetry.space_group_name_H-M             'P 21 21 21' 
_symmetry.pdbx_full_space_group_name_H-M   ? 
# 
loop_
_entity.id 
_entity.type 
_entity.src_method 
_entity.pdbx_description 
_entity.formula_weight 
_entity.pdbx_number_of_molecules 
_entity.pdbx_ec 
_entity.pdbx_mutation 
_entity.pdbx_fragment 
_entity.details 
1 polymer     syn 'Synthetic epi-Novo29 (2R,3S)' 921.093 2  ? ? ? ? 
2 non-polymer syn 'ACETATE ION'                  59.044  1  ? ? ? ? 
3 water       nat water                          18.015  42 ? ? ? ? 
# 
_entity_poly.entity_id                      1 
_entity_poly.type                           'polypeptide(L)' 
_entity_poly.nstd_linkage                   no 
_entity_poly.nstd_monomer                   yes 
_entity_poly.pdbx_seq_one_letter_code       'F(DLE)(DLY)S(OWF)ALL' 
_entity_poly.pdbx_seq_one_letter_code_can   FLKSXALL 
_entity_poly.pdbx_strand_id                 A,B 
_entity_poly.pdbx_target_identifier         ? 
# 
loop_
_entity_poly_seq.entity_id 
_entity_poly_seq.num 
_entity_poly_seq.mon_id 
_entity_poly_seq.hetero 
1 1 PHE n 
1 2 DLE n 
1 3 DLY n 
1 4 SER n 
1 5 OWF n 
1 6 ALA n 
1 7 LEU n 
1 8 LEU n 
# 
_pdbx_entity_src_syn.entity_id              1 
_pdbx_entity_src_syn.pdbx_src_id            1 
_pdbx_entity_src_syn.pdbx_alt_source_flag   sample 
_pdbx_entity_src_syn.pdbx_beg_seq_num       1 
_pdbx_entity_src_syn.pdbx_end_seq_num       8 
_pdbx_entity_src_syn.organism_scientific    Eleftheria 
_pdbx_entity_src_syn.organism_common_name   ? 
_pdbx_entity_src_syn.ncbi_taxonomy_id       1597779 
_pdbx_entity_src_syn.details                ? 
# 
_struct_ref.id                         1 
_struct_ref.db_name                    PDB 
_struct_ref.db_code                    8CUG 
_struct_ref.pdbx_db_accession          8CUG 
_struct_ref.pdbx_db_isoform            ? 
_struct_ref.entity_id                  1 
_struct_ref.pdbx_seq_one_letter_code   ? 
_struct_ref.pdbx_align_begin           1 
# 
loop_
_struct_ref_seq.align_id 
_struct_ref_seq.ref_id 
_struct_ref_seq.pdbx_PDB_id_code 
_struct_ref_seq.pdbx_strand_id 
_struct_ref_seq.seq_align_beg 
_struct_ref_seq.pdbx_seq_align_beg_ins_code 
_struct_ref_seq.seq_align_end 
_struct_ref_seq.pdbx_seq_align_end_ins_code 
_struct_ref_seq.pdbx_db_accession 
_struct_ref_seq.db_align_beg 
_struct_ref_seq.pdbx_db_align_beg_ins_code 
_struct_ref_seq.db_align_end 
_struct_ref_seq.pdbx_db_align_end_ins_code 
_struct_ref_seq.pdbx_auth_seq_align_beg 
_struct_ref_seq.pdbx_auth_seq_align_end 
1 1 8CUG A 1 ? 8 ? 8CUG 1 ? 8 ? 1 8 
2 1 8CUG B 1 ? 8 ? 8CUG 1 ? 8 ? 1 8 
# 
loop_
_chem_comp.id 
_chem_comp.type 
_chem_comp.mon_nstd_flag 
_chem_comp.name 
_chem_comp.pdbx_synonyms 
_chem_comp.formula 
_chem_comp.formula_weight 
ACT non-polymer         . 'ACETATE ION'                 ? 'C2 H3 O2 -1'  59.044  
ALA 'L-peptide linking' y ALANINE                       ? 'C3 H7 N O2'   89.093  
DLE 'D-peptide linking' . D-LEUCINE                     ? 'C6 H13 N O2'  131.173 
DLY 'D-peptide linking' . D-LYSINE                      ? 'C6 H14 N2 O2' 146.188 
HOH non-polymer         . WATER                         ? 'H2 O'         18.015  
LEU 'L-peptide linking' y LEUCINE                       ? 'C6 H13 N O2'  131.173 
OWF 'D-peptide linking' . '(3S)-3-hydroxy-D-asparagine' ? 'C4 H8 N2 O4'  148.117 
PHE 'L-peptide linking' y PHENYLALANINE                 ? 'C9 H11 N O2'  165.189 
SER 'L-peptide linking' y SERINE                        ? 'C3 H7 N O3'   105.093 
# 
_exptl.absorpt_coefficient_mu     ? 
_exptl.absorpt_correction_T_max   ? 
_exptl.absorpt_correction_T_min   ? 
_exptl.absorpt_correction_type    ? 
_exptl.absorpt_process_details    ? 
_exptl.entry_id                   8CUG 
_exptl.crystals_number            1 
_exptl.details                    ? 
_exptl.method                     'X-RAY DIFFRACTION' 
_exptl.method_details             ? 
# 
_exptl_crystal.colour                       ? 
_exptl_crystal.density_diffrn               ? 
_exptl_crystal.density_Matthews             1.94 
_exptl_crystal.density_method               ? 
_exptl_crystal.density_percent_sol          36.73 
_exptl_crystal.description                  ? 
_exptl_crystal.F_000                        ? 
_exptl_crystal.id                           1 
_exptl_crystal.preparation                  ? 
_exptl_crystal.size_max                     ? 
_exptl_crystal.size_mid                     ? 
_exptl_crystal.size_min                     ? 
_exptl_crystal.size_rad                     ? 
_exptl_crystal.colour_lustre                ? 
_exptl_crystal.colour_modifier              ? 
_exptl_crystal.colour_primary               ? 
_exptl_crystal.density_meas                 ? 
_exptl_crystal.density_meas_esd             ? 
_exptl_crystal.density_meas_gt              ? 
_exptl_crystal.density_meas_lt              ? 
_exptl_crystal.density_meas_temp            ? 
_exptl_crystal.density_meas_temp_esd        ? 
_exptl_crystal.density_meas_temp_gt         ? 
_exptl_crystal.density_meas_temp_lt         ? 
_exptl_crystal.pdbx_crystal_image_url       ? 
_exptl_crystal.pdbx_crystal_image_format    ? 
_exptl_crystal.pdbx_mosaicity               ? 
_exptl_crystal.pdbx_mosaicity_esd           ? 
_exptl_crystal.pdbx_mosaic_method           ? 
_exptl_crystal.pdbx_mosaic_block_size       ? 
_exptl_crystal.pdbx_mosaic_block_size_esd   ? 
# 
_exptl_crystal_grow.apparatus       ? 
_exptl_crystal_grow.atmosphere      ? 
_exptl_crystal_grow.crystal_id      1 
_exptl_crystal_grow.details         ? 
_exptl_crystal_grow.method          'VAPOR DIFFUSION, HANGING DROP' 
_exptl_crystal_grow.method_ref      ? 
_exptl_crystal_grow.pH              6.6 
_exptl_crystal_grow.pressure        ? 
_exptl_crystal_grow.pressure_esd    ? 
_exptl_crystal_grow.seeding         ? 
_exptl_crystal_grow.seeding_ref     ? 
_exptl_crystal_grow.temp            296.15 
_exptl_crystal_grow.temp_details    ? 
_exptl_crystal_grow.temp_esd        ? 
_exptl_crystal_grow.time            ? 
_exptl_crystal_grow.pdbx_details    '2.8 M sodium acetate trihydrate, pH 6.6' 
_exptl_crystal_grow.pdbx_pH_range   ? 
# 
_diffrn.ambient_environment              ? 
_diffrn.ambient_temp                     143 
_diffrn.ambient_temp_details             ? 
_diffrn.ambient_temp_esd                 ? 
_diffrn.crystal_id                       1 
_diffrn.crystal_support                  ? 
_diffrn.crystal_treatment                ? 
_diffrn.details                          ? 
_diffrn.id                               1 
_diffrn.ambient_pressure                 ? 
_diffrn.ambient_pressure_esd             ? 
_diffrn.ambient_pressure_gt              ? 
_diffrn.ambient_pressure_lt              ? 
_diffrn.ambient_temp_gt                  ? 
_diffrn.ambient_temp_lt                  ? 
_diffrn.pdbx_serial_crystal_experiment   N 
# 
_diffrn_detector.details                      ? 
_diffrn_detector.detector                     PIXEL 
_diffrn_detector.diffrn_id                    1 
_diffrn_detector.type                         'DECTRIS PILATUS3 6M' 
_diffrn_detector.area_resol_mean              ? 
_diffrn_detector.dtime                        ? 
_diffrn_detector.pdbx_frames_total            ? 
_diffrn_detector.pdbx_collection_time_total   ? 
_diffrn_detector.pdbx_collection_date         2022-04-21 
_diffrn_detector.pdbx_frequency               ? 
# 
_diffrn_radiation.collimation                      ? 
_diffrn_radiation.diffrn_id                        1 
_diffrn_radiation.filter_edge                      ? 
_diffrn_radiation.inhomogeneity                    ? 
_diffrn_radiation.monochromator                    'Double-crystal, Si(111)' 
_diffrn_radiation.polarisn_norm                    ? 
_diffrn_radiation.polarisn_ratio                   ? 
_diffrn_radiation.probe                            ? 
_diffrn_radiation.type                             ? 
_diffrn_radiation.xray_symbol                      ? 
_diffrn_radiation.wavelength_id                    1 
_diffrn_radiation.pdbx_monochromatic_or_laue_m_l   M 
_diffrn_radiation.pdbx_wavelength_list             ? 
_diffrn_radiation.pdbx_wavelength                  ? 
_diffrn_radiation.pdbx_diffrn_protocol             'SINGLE WAVELENGTH' 
_diffrn_radiation.pdbx_analyzer                    ? 
_diffrn_radiation.pdbx_scattering_type             x-ray 
# 
_diffrn_radiation_wavelength.id           1 
_diffrn_radiation_wavelength.wavelength   1.0 
_diffrn_radiation_wavelength.wt           1.0 
# 
_diffrn_source.current                     ? 
_diffrn_source.details                     ? 
_diffrn_source.diffrn_id                   1 
_diffrn_source.power                       ? 
_diffrn_source.size                        ? 
_diffrn_source.source                      SYNCHROTRON 
_diffrn_source.target                      ? 
_diffrn_source.type                        'ALS BEAMLINE 5.0.2' 
_diffrn_source.voltage                     ? 
_diffrn_source.take-off_angle              ? 
_diffrn_source.pdbx_wavelength_list        1.0 
_diffrn_source.pdbx_wavelength             ? 
_diffrn_source.pdbx_synchrotron_beamline   5.0.2 
_diffrn_source.pdbx_synchrotron_site       ALS 
# 
_reflns.B_iso_Wilson_estimate                          ? 
_reflns.entry_id                                       8CUG 
_reflns.data_reduction_details                         ? 
_reflns.data_reduction_method                          ? 
_reflns.d_resolution_high                              1.131 
_reflns.d_resolution_low                               24.19 
_reflns.details                                        ? 
_reflns.limit_h_max                                    ? 
_reflns.limit_h_min                                    ? 
_reflns.limit_k_max                                    ? 
_reflns.limit_k_min                                    ? 
_reflns.limit_l_max                                    ? 
_reflns.limit_l_min                                    ? 
_reflns.number_all                                     ? 
_reflns.number_obs                                     9930 
_reflns.observed_criterion                             ? 
_reflns.observed_criterion_F_max                       ? 
_reflns.observed_criterion_F_min                       ? 
_reflns.observed_criterion_I_max                       ? 
_reflns.observed_criterion_I_min                       ? 
_reflns.observed_criterion_sigma_F                     ? 
_reflns.observed_criterion_sigma_I                     ? 
_reflns.percent_possible_obs                           96.44 
_reflns.R_free_details                                 ? 
_reflns.Rmerge_F_all                                   ? 
_reflns.Rmerge_F_obs                                   ? 
_reflns.Friedel_coverage                               ? 
_reflns.number_gt                                      ? 
_reflns.threshold_expression                           ? 
_reflns.pdbx_redundancy                                10.5 
_reflns.pdbx_Rmerge_I_obs                              0.07324 
_reflns.pdbx_Rmerge_I_all                              ? 
_reflns.pdbx_Rsym_value                                ? 
_reflns.pdbx_netI_over_av_sigmaI                       ? 
_reflns.pdbx_netI_over_sigmaI                          22.28 
_reflns.pdbx_res_netI_over_av_sigmaI_2                 ? 
_reflns.pdbx_res_netI_over_sigmaI_2                    ? 
_reflns.pdbx_chi_squared                               ? 
_reflns.pdbx_scaling_rejects                           ? 
_reflns.pdbx_d_res_high_opt                            ? 
_reflns.pdbx_d_res_low_opt                             ? 
_reflns.pdbx_d_res_opt_method                          ? 
_reflns.phase_calculation_details                      ? 
_reflns.pdbx_Rrim_I_all                                ? 
_reflns.pdbx_Rpim_I_all                                ? 
_reflns.pdbx_d_opt                                     ? 
_reflns.pdbx_number_measured_all                       ? 
_reflns.pdbx_diffrn_id                                 1 
_reflns.pdbx_ordinal                                   1 
_reflns.pdbx_CC_half                                   0.998 
_reflns.pdbx_CC_star                                   ? 
_reflns.pdbx_R_split                                   ? 
_reflns.pdbx_aniso_diffraction_limit_axis_1_ortho[1]   ? 
_reflns.pdbx_aniso_diffraction_limit_axis_1_ortho[2]   ? 
_reflns.pdbx_aniso_diffraction_limit_axis_1_ortho[3]   ? 
_reflns.pdbx_aniso_diffraction_limit_axis_2_ortho[1]   ? 
_reflns.pdbx_aniso_diffraction_limit_axis_2_ortho[2]   ? 
_reflns.pdbx_aniso_diffraction_limit_axis_2_ortho[3]   ? 
_reflns.pdbx_aniso_diffraction_limit_axis_3_ortho[1]   ? 
_reflns.pdbx_aniso_diffraction_limit_axis_3_ortho[2]   ? 
_reflns.pdbx_aniso_diffraction_limit_axis_3_ortho[3]   ? 
_reflns.pdbx_aniso_diffraction_limit_1                 ? 
_reflns.pdbx_aniso_diffraction_limit_2                 ? 
_reflns.pdbx_aniso_diffraction_limit_3                 ? 
_reflns.pdbx_aniso_B_tensor_eigenvector_1_ortho[1]     ? 
_reflns.pdbx_aniso_B_tensor_eigenvector_1_ortho[2]     ? 
_reflns.pdbx_aniso_B_tensor_eigenvector_1_ortho[3]     ? 
_reflns.pdbx_aniso_B_tensor_eigenvector_2_ortho[1]     ? 
_reflns.pdbx_aniso_B_tensor_eigenvector_2_ortho[2]     ? 
_reflns.pdbx_aniso_B_tensor_eigenvector_2_ortho[3]     ? 
_reflns.pdbx_aniso_B_tensor_eigenvector_3_ortho[1]     ? 
_reflns.pdbx_aniso_B_tensor_eigenvector_3_ortho[2]     ? 
_reflns.pdbx_aniso_B_tensor_eigenvector_3_ortho[3]     ? 
_reflns.pdbx_aniso_B_tensor_eigenvalue_1               ? 
_reflns.pdbx_aniso_B_tensor_eigenvalue_2               ? 
_reflns.pdbx_aniso_B_tensor_eigenvalue_3               ? 
_reflns.pdbx_orthogonalization_convention              ? 
_reflns.pdbx_percent_possible_ellipsoidal              ? 
_reflns.pdbx_percent_possible_spherical                ? 
_reflns.pdbx_percent_possible_ellipsoidal_anomalous    ? 
_reflns.pdbx_percent_possible_spherical_anomalous      ? 
_reflns.pdbx_redundancy_anomalous                      ? 
_reflns.pdbx_CC_half_anomalous                         ? 
_reflns.pdbx_absDiff_over_sigma_anomalous              ? 
_reflns.pdbx_percent_possible_anomalous                ? 
_reflns.pdbx_observed_signal_threshold                 ? 
_reflns.pdbx_signal_type                               ? 
_reflns.pdbx_signal_details                            ? 
_reflns.pdbx_signal_software_id                        ? 
_reflns.pdbx_CC_split_method                           ? 
# 
_reflns_shell.d_res_high                                    1.131 
_reflns_shell.d_res_low                                     1.172 
_reflns_shell.meanI_over_sigI_all                           ? 
_reflns_shell.meanI_over_sigI_obs                           ? 
_reflns_shell.number_measured_all                           ? 
_reflns_shell.number_measured_obs                           ? 
_reflns_shell.number_possible                               ? 
_reflns_shell.number_unique_all                             ? 
_reflns_shell.number_unique_obs                             398 
_reflns_shell.percent_possible_all                          ? 
_reflns_shell.percent_possible_obs                          ? 
_reflns_shell.Rmerge_F_all                                  ? 
_reflns_shell.Rmerge_F_obs                                  ? 
_reflns_shell.Rmerge_I_all                                  ? 
_reflns_shell.Rmerge_I_obs                                  0.3204 
_reflns_shell.meanI_over_sigI_gt                            ? 
_reflns_shell.meanI_over_uI_all                             ? 
_reflns_shell.meanI_over_uI_gt                              ? 
_reflns_shell.number_measured_gt                            ? 
_reflns_shell.number_unique_gt                              ? 
_reflns_shell.percent_possible_gt                           ? 
_reflns_shell.Rmerge_F_gt                                   ? 
_reflns_shell.Rmerge_I_gt                                   ? 
_reflns_shell.pdbx_redundancy                               ? 
_reflns_shell.pdbx_Rsym_value                               ? 
_reflns_shell.pdbx_chi_squared                              ? 
_reflns_shell.pdbx_netI_over_sigmaI_all                     ? 
_reflns_shell.pdbx_netI_over_sigmaI_obs                     ? 
_reflns_shell.pdbx_Rrim_I_all                               ? 
_reflns_shell.pdbx_Rpim_I_all                               ? 
_reflns_shell.pdbx_rejects                                  ? 
_reflns_shell.pdbx_ordinal                                  1 
_reflns_shell.pdbx_diffrn_id                                1 
_reflns_shell.pdbx_CC_half                                  0.938 
_reflns_shell.pdbx_CC_star                                  ? 
_reflns_shell.pdbx_R_split                                  ? 
_reflns_shell.pdbx_percent_possible_ellipsoidal             ? 
_reflns_shell.pdbx_percent_possible_spherical               ? 
_reflns_shell.pdbx_percent_possible_ellipsoidal_anomalous   ? 
_reflns_shell.pdbx_percent_possible_spherical_anomalous     ? 
_reflns_shell.pdbx_redundancy_anomalous                     ? 
_reflns_shell.pdbx_CC_half_anomalous                        ? 
_reflns_shell.pdbx_absDiff_over_sigma_anomalous             ? 
_reflns_shell.pdbx_percent_possible_anomalous               ? 
# 
_refine.aniso_B[1][1]                            ? 
_refine.aniso_B[1][2]                            ? 
_refine.aniso_B[1][3]                            ? 
_refine.aniso_B[2][2]                            ? 
_refine.aniso_B[2][3]                            ? 
_refine.aniso_B[3][3]                            ? 
_refine.B_iso_max                                44.120 
_refine.B_iso_mean                               12.9784 
_refine.B_iso_min                                5.410 
_refine.correlation_coeff_Fo_to_Fc               ? 
_refine.correlation_coeff_Fo_to_Fc_free          ? 
_refine.details                                  ? 
_refine.diff_density_max                         ? 
_refine.diff_density_max_esd                     ? 
_refine.diff_density_min                         ? 
_refine.diff_density_min_esd                     ? 
_refine.diff_density_rms                         ? 
_refine.diff_density_rms_esd                     ? 
_refine.entry_id                                 8CUG 
_refine.pdbx_refine_id                           'X-RAY DIFFRACTION' 
_refine.ls_abs_structure_details                 ? 
_refine.ls_abs_structure_Flack                   ? 
_refine.ls_abs_structure_Flack_esd               ? 
_refine.ls_abs_structure_Rogers                  ? 
_refine.ls_abs_structure_Rogers_esd              ? 
_refine.ls_d_res_high                            1.131 
_refine.ls_d_res_low                             24.1900 
_refine.ls_extinction_coef                       ? 
_refine.ls_extinction_coef_esd                   ? 
_refine.ls_extinction_expression                 ? 
_refine.ls_extinction_method                     ? 
_refine.ls_goodness_of_fit_all                   ? 
_refine.ls_goodness_of_fit_all_esd               ? 
_refine.ls_goodness_of_fit_obs                   ? 
_refine.ls_goodness_of_fit_obs_esd               ? 
_refine.ls_hydrogen_treatment                    ? 
_refine.ls_matrix_type                           ? 
_refine.ls_number_constraints                    ? 
_refine.ls_number_parameters                     ? 
_refine.ls_number_reflns_all                     ? 
_refine.ls_number_reflns_obs                     9930 
_refine.ls_number_reflns_R_free                  988 
_refine.ls_number_reflns_R_work                  8942 
_refine.ls_number_restraints                     ? 
_refine.ls_percent_reflns_obs                    95.7000 
_refine.ls_percent_reflns_R_free                 9.9500 
_refine.ls_R_factor_all                          ? 
_refine.ls_R_factor_obs                          0.1318 
_refine.ls_R_factor_R_free                       0.1445 
_refine.ls_R_factor_R_free_error                 ? 
_refine.ls_R_factor_R_free_error_details         ? 
_refine.ls_R_factor_R_work                       0.1302 
_refine.ls_R_Fsqd_factor_obs                     ? 
_refine.ls_R_I_factor_obs                        ? 
_refine.ls_redundancy_reflns_all                 ? 
_refine.ls_redundancy_reflns_obs                 ? 
_refine.ls_restrained_S_all                      ? 
_refine.ls_restrained_S_obs                      ? 
_refine.ls_shift_over_esd_max                    ? 
_refine.ls_shift_over_esd_mean                   ? 
_refine.ls_structure_factor_coef                 ? 
_refine.ls_weighting_details                     ? 
_refine.ls_weighting_scheme                      ? 
_refine.ls_wR_factor_all                         ? 
_refine.ls_wR_factor_obs                         ? 
_refine.ls_wR_factor_R_free                      ? 
_refine.ls_wR_factor_R_work                      ? 
_refine.occupancy_max                            ? 
_refine.occupancy_min                            ? 
_refine.solvent_model_details                    'FLAT BULK SOLVENT MODEL' 
_refine.solvent_model_param_bsol                 ? 
_refine.solvent_model_param_ksol                 ? 
_refine.pdbx_R_complete                          ? 
_refine.ls_R_factor_gt                           ? 
_refine.ls_goodness_of_fit_gt                    ? 
_refine.ls_goodness_of_fit_ref                   ? 
_refine.ls_shift_over_su_max                     ? 
_refine.ls_shift_over_su_max_lt                  ? 
_refine.ls_shift_over_su_mean                    ? 
_refine.ls_shift_over_su_mean_lt                 ? 
_refine.pdbx_ls_sigma_I                          ? 
_refine.pdbx_ls_sigma_F                          1.450 
_refine.pdbx_ls_sigma_Fsqd                       ? 
_refine.pdbx_data_cutoff_high_absF               ? 
_refine.pdbx_data_cutoff_high_rms_absF           ? 
_refine.pdbx_data_cutoff_low_absF                ? 
_refine.pdbx_isotropic_thermal_model             ? 
_refine.pdbx_ls_cross_valid_method               THROUGHOUT 
_refine.pdbx_method_to_determine_struct          'MOLECULAR REPLACEMENT' 
_refine.pdbx_starting_model                      'PDB entry 8CUF' 
_refine.pdbx_stereochemistry_target_values       ML 
_refine.pdbx_R_Free_selection_details            ? 
_refine.pdbx_stereochem_target_val_spec_case     ? 
_refine.pdbx_overall_ESU_R                       ? 
_refine.pdbx_overall_ESU_R_Free                  ? 
_refine.pdbx_solvent_vdw_probe_radii             1.1000 
_refine.pdbx_solvent_ion_probe_radii             ? 
_refine.pdbx_solvent_shrinkage_radii             0.9000 
_refine.pdbx_real_space_R                        ? 
_refine.pdbx_density_correlation                 ? 
_refine.pdbx_pd_number_of_powder_patterns        ? 
_refine.pdbx_pd_number_of_points                 ? 
_refine.pdbx_pd_meas_number_of_points            ? 
_refine.pdbx_pd_proc_ls_prof_R_factor            ? 
_refine.pdbx_pd_proc_ls_prof_wR_factor           ? 
_refine.pdbx_pd_Marquardt_correlation_coeff      ? 
_refine.pdbx_pd_Fsqrd_R_factor                   ? 
_refine.pdbx_pd_ls_matrix_band_width             ? 
_refine.pdbx_overall_phase_error                 17.8200 
_refine.pdbx_overall_SU_R_free_Cruickshank_DPI   ? 
_refine.pdbx_overall_SU_R_free_Blow_DPI          ? 
_refine.pdbx_overall_SU_R_Blow_DPI               ? 
_refine.pdbx_TLS_residual_ADP_flag               ? 
_refine.pdbx_diffrn_id                           1 
_refine.overall_SU_B                             ? 
_refine.overall_SU_ML                            0.1000 
_refine.overall_SU_R_Cruickshank_DPI             ? 
_refine.overall_SU_R_free                        ? 
_refine.overall_FOM_free_R_set                   ? 
_refine.overall_FOM_work_R_set                   ? 
_refine.pdbx_average_fsc_overall                 ? 
_refine.pdbx_average_fsc_work                    ? 
_refine.pdbx_average_fsc_free                    ? 
# 
_refine_hist.pdbx_refine_id                   'X-RAY DIFFRACTION' 
_refine_hist.cycle_id                         final 
_refine_hist.details                          ? 
_refine_hist.d_res_high                       1.131 
_refine_hist.d_res_low                        24.1900 
_refine_hist.number_atoms_solvent             42 
_refine_hist.number_atoms_total               177 
_refine_hist.number_reflns_all                ? 
_refine_hist.number_reflns_obs                ? 
_refine_hist.number_reflns_R_free             ? 
_refine_hist.number_reflns_R_work             ? 
_refine_hist.R_factor_all                     ? 
_refine_hist.R_factor_obs                     ? 
_refine_hist.R_factor_R_free                  ? 
_refine_hist.R_factor_R_work                  ? 
_refine_hist.pdbx_number_residues_total       16 
_refine_hist.pdbx_B_iso_mean_ligand           11.85 
_refine_hist.pdbx_B_iso_mean_solvent          28.05 
_refine_hist.pdbx_number_atoms_protein        128 
_refine_hist.pdbx_number_atoms_nucleic_acid   0 
_refine_hist.pdbx_number_atoms_ligand         7 
_refine_hist.pdbx_number_atoms_lipid          ? 
_refine_hist.pdbx_number_atoms_carb           ? 
_refine_hist.pdbx_pseudo_atom_details         ? 
# 
loop_
_refine_ls_shell.pdbx_refine_id 
_refine_ls_shell.d_res_high 
_refine_ls_shell.d_res_low 
_refine_ls_shell.number_reflns_all 
_refine_ls_shell.number_reflns_obs 
_refine_ls_shell.number_reflns_R_free 
_refine_ls_shell.number_reflns_R_work 
_refine_ls_shell.percent_reflns_obs 
_refine_ls_shell.percent_reflns_R_free 
_refine_ls_shell.R_factor_all 
_refine_ls_shell.R_factor_obs 
_refine_ls_shell.R_factor_R_free 
_refine_ls_shell.R_factor_R_free_error 
_refine_ls_shell.R_factor_R_work 
_refine_ls_shell.redundancy_reflns_all 
_refine_ls_shell.redundancy_reflns_obs 
_refine_ls_shell.wR_factor_all 
_refine_ls_shell.wR_factor_obs 
_refine_ls_shell.wR_factor_R_free 
_refine_ls_shell.wR_factor_R_work 
_refine_ls_shell.pdbx_R_complete 
_refine_ls_shell.pdbx_total_number_of_bins_used 
_refine_ls_shell.pdbx_phase_error 
_refine_ls_shell.pdbx_fsc_work 
_refine_ls_shell.pdbx_fsc_free 
'X-RAY DIFFRACTION' 1.131  1.1900  . . 114 972  73.0000  . . . 0.2350 0.0000 0.2285 . . . . . . . . . . . 
'X-RAY DIFFRACTION' 1.1900 1.2700  . . 147 1305 98.0000  . . . 0.2004 0.0000 0.1874 . . . . . . . . . . . 
'X-RAY DIFFRACTION' 1.2700 1.3600  . . 146 1342 100.0000 . . . 0.1368 0.0000 0.1330 . . . . . . . . . . . 
'X-RAY DIFFRACTION' 1.3600 1.5000  . . 143 1330 100.0000 . . . 0.1275 0.0000 0.1397 . . . . . . . . . . . 
'X-RAY DIFFRACTION' 1.5000 1.7200  . . 144 1330 100.0000 . . . 0.1561 0.0000 0.1346 . . . . . . . . . . . 
'X-RAY DIFFRACTION' 1.7200 2.1600  . . 149 1325 100.0000 . . . 0.1344 0.0000 0.1174 . . . . . . . . . . . 
'X-RAY DIFFRACTION' 2.1600 24.1900 . . 145 1338 100.0000 . . . 0.1359 0.0000 0.1136 . . . . . . . . . . . 
# 
_struct.entry_id                     8CUG 
_struct.title                        'Synthetic epi-Novo29 (2R,3S), synchrotron structure' 
_struct.pdbx_model_details           ? 
_struct.pdbx_formula_weight          ? 
_struct.pdbx_formula_weight_method   ? 
_struct.pdbx_model_type_details      ? 
_struct.pdbx_CASP_flag               N 
# 
_struct_keywords.entry_id        8CUG 
_struct_keywords.text            'macrocyclic peptide, ANTIBIOTIC' 
_struct_keywords.pdbx_keywords   ANTIBIOTIC 
# 
loop_
_struct_asym.id 
_struct_asym.pdbx_blank_PDB_chainid_flag 
_struct_asym.pdbx_modified 
_struct_asym.entity_id 
_struct_asym.details 
A N N 1 ? 
B N N 1 ? 
C N N 2 ? 
D N N 3 ? 
E N N 3 ? 
# 
loop_
_struct_conn.id 
_struct_conn.conn_type_id 
_struct_conn.pdbx_leaving_atom_flag 
_struct_conn.pdbx_PDB_id 
_struct_conn.ptnr1_label_asym_id 
_struct_conn.ptnr1_label_comp_id 
_struct_conn.ptnr1_label_seq_id 
_struct_conn.ptnr1_label_atom_id 
_struct_conn.pdbx_ptnr1_label_alt_id 
_struct_conn.pdbx_ptnr1_PDB_ins_code 
_struct_conn.pdbx_ptnr1_standard_comp_id 
_struct_conn.ptnr1_symmetry 
_struct_conn.ptnr2_label_asym_id 
_struct_conn.ptnr2_label_comp_id 
_struct_conn.ptnr2_label_seq_id 
_struct_conn.ptnr2_label_atom_id 
_struct_conn.pdbx_ptnr2_label_alt_id 
_struct_conn.pdbx_ptnr2_PDB_ins_code 
_struct_conn.ptnr1_auth_asym_id 
_struct_conn.ptnr1_auth_comp_id 
_struct_conn.ptnr1_auth_seq_id 
_struct_conn.ptnr2_auth_asym_id 
_struct_conn.ptnr2_auth_comp_id 
_struct_conn.ptnr2_auth_seq_id 
_struct_conn.ptnr2_symmetry 
_struct_conn.pdbx_ptnr3_label_atom_id 
_struct_conn.pdbx_ptnr3_label_seq_id 
_struct_conn.pdbx_ptnr3_label_comp_id 
_struct_conn.pdbx_ptnr3_label_asym_id 
_struct_conn.pdbx_ptnr3_label_alt_id 
_struct_conn.pdbx_ptnr3_PDB_ins_code 
_struct_conn.details 
_struct_conn.pdbx_dist_value 
_struct_conn.pdbx_value_order 
_struct_conn.pdbx_role 
covale1  covale both ? A PHE 1 C   ? ? ? 1_555 A DLE 2 N ? ? A PHE 1 A DLE 2 1_555 ? ? ? ? ? ? ? 1.323 ? ? 
covale2  covale both ? A DLE 2 C   ? ? ? 1_555 A DLY 3 N ? ? A DLE 2 A DLY 3 1_555 ? ? ? ? ? ? ? 1.332 ? ? 
covale3  covale both ? A DLY 3 C   ? ? ? 1_555 A SER 4 N ? ? A DLY 3 A SER 4 1_555 ? ? ? ? ? ? ? 1.329 ? ? 
covale4  covale both ? A SER 4 C   ? ? ? 1_555 A OWF 5 N ? ? A SER 4 A OWF 5 1_555 ? ? ? ? ? ? ? 1.342 ? ? 
covale5  covale both ? A OWF 5 C   ? ? ? 1_555 A ALA 6 N ? ? A OWF 5 A ALA 6 1_555 ? ? ? ? ? ? ? 1.328 ? ? 
covale6  covale both ? A OWF 5 OB1 ? ? ? 1_555 A LEU 8 C ? ? A OWF 5 A LEU 8 1_555 ? ? ? ? ? ? ? 1.360 ? ? 
covale7  covale both ? B PHE 1 C   ? ? ? 1_555 B DLE 2 N ? ? B PHE 1 B DLE 2 1_555 ? ? ? ? ? ? ? 1.334 ? ? 
covale8  covale both ? B DLE 2 C   ? ? ? 1_555 B DLY 3 N ? ? B DLE 2 B DLY 3 1_555 ? ? ? ? ? ? ? 1.329 ? ? 
covale9  covale both ? B DLY 3 C   ? ? ? 1_555 B SER 4 N ? ? B DLY 3 B SER 4 1_555 ? ? ? ? ? ? ? 1.329 ? ? 
covale10 covale both ? B SER 4 C   ? ? ? 1_555 B OWF 5 N ? ? B SER 4 B OWF 5 1_555 ? ? ? ? ? ? ? 1.334 ? ? 
covale11 covale both ? B OWF 5 C   ? ? ? 1_555 B ALA 6 N ? ? B OWF 5 B ALA 6 1_555 ? ? ? ? ? ? ? 1.323 ? ? 
covale12 covale both ? B OWF 5 OB1 ? ? ? 1_555 B LEU 8 C ? ? B OWF 5 B LEU 8 1_555 ? ? ? ? ? ? ? 1.364 ? ? 
# 
_struct_conn_type.id          covale 
_struct_conn_type.criteria    ? 
_struct_conn_type.reference   ? 
# 
_atom_sites.entry_id                    8CUG 
_atom_sites.Cartn_transf_matrix[1][1]   ? 
_atom_sites.Cartn_transf_matrix[1][2]   ? 
_atom_sites.Cartn_transf_matrix[1][3]   ? 
_atom_sites.Cartn_transf_matrix[2][1]   ? 
_atom_sites.Cartn_transf_matrix[2][2]   ? 
_atom_sites.Cartn_transf_matrix[2][3]   ? 
_atom_sites.Cartn_transf_matrix[3][1]   ? 
_atom_sites.Cartn_transf_matrix[3][2]   ? 
_atom_sites.Cartn_transf_matrix[3][3]   ? 
_atom_sites.Cartn_transf_vector[1]      ? 
_atom_sites.Cartn_transf_vector[2]      ? 
_atom_sites.Cartn_transf_vector[3]      ? 
_atom_sites.fract_transf_matrix[1][1]   -0.00277307 
_atom_sites.fract_transf_matrix[1][2]   -0.07919796 
_atom_sites.fract_transf_matrix[1][3]   -0.02333251 
_atom_sites.fract_transf_matrix[2][1]   -0.01348095 
_atom_sites.fract_transf_matrix[2][2]   0.00843189 
_atom_sites.fract_transf_matrix[2][3]   -0.02701832 
_atom_sites.fract_transf_matrix[3][1]   0.02431694 
_atom_sites.fract_transf_matrix[3][2]   0.00249380 
_atom_sites.fract_transf_matrix[3][3]   -0.01135481 
_atom_sites.fract_transf_vector[1]      0.161797 
_atom_sites.fract_transf_vector[2]      0.570590 
_atom_sites.fract_transf_vector[3]      0.275001 
_atom_sites.solution_primary            ? 
_atom_sites.solution_secondary          ? 
_atom_sites.solution_hydrogens          ? 
_atom_sites.special_details             ? 
# 
loop_
_atom_type.symbol 
C 
H 
N 
O 
# 
loop_
_atom_site.group_PDB 
_atom_site.id 
_atom_site.type_symbol 
_atom_site.label_atom_id 
_atom_site.label_alt_id 
_atom_site.label_comp_id 
_atom_site.label_asym_id 
_atom_site.label_entity_id 
_atom_site.label_seq_id 
_atom_site.pdbx_PDB_ins_code 
_atom_site.Cartn_x 
_atom_site.Cartn_y 
_atom_site.Cartn_z 
_atom_site.occupancy 
_atom_site.B_iso_or_equiv 
_atom_site.pdbx_formal_charge 
_atom_site.auth_seq_id 
_atom_site.auth_comp_id 
_atom_site.auth_asym_id 
_atom_site.auth_atom_id 
_atom_site.pdbx_PDB_model_num 
ATOM   1   N N    . PHE A 1 1 ? -4.104  -9.855  0.516   1.00 8.28  ?  1   PHE A N    1 
ATOM   2   C CA   . PHE A 1 1 ? -5.310  -9.815  -0.348  1.00 7.51  ?  1   PHE A CA   1 
ATOM   3   C C    . PHE A 1 1 ? -5.663  -8.371  -0.562  1.00 6.85  ?  1   PHE A C    1 
ATOM   4   O O    . PHE A 1 1 ? -5.267  -7.493  0.200   1.00 7.62  ?  1   PHE A O    1 
ATOM   5   C CB   . PHE A 1 1 ? -6.480  -10.583 0.290   1.00 7.78  ?  1   PHE A CB   1 
ATOM   6   C CG   . PHE A 1 1 ? -7.011  -9.963  1.547   1.00 8.43  ?  1   PHE A CG   1 
ATOM   7   C CD1  . PHE A 1 1 ? -6.472  -10.254 2.789   1.00 11.85 ?  1   PHE A CD1  1 
ATOM   8   C CD2  . PHE A 1 1 ? -8.063  -9.093  1.489   1.00 10.79 ?  1   PHE A CD2  1 
ATOM   9   C CE1  . PHE A 1 1 ? -6.983  -9.660  3.938   1.00 13.32 ?  1   PHE A CE1  1 
ATOM   10  C CE2  . PHE A 1 1 ? -8.577  -8.514  2.635   1.00 12.55 ?  1   PHE A CE2  1 
ATOM   11  C CZ   . PHE A 1 1 ? -8.027  -8.802  3.851   1.00 13.39 ?  1   PHE A CZ   1 
ATOM   12  H H1   . PHE A 1 1 ? -3.930  -10.698 0.743   1.00 9.94  ?  1   PHE A H1   1 
ATOM   13  H H2   . PHE A 1 1 ? -3.410  -9.518  0.073   1.00 9.94  ?  1   PHE A H2   1 
ATOM   14  H H3   . PHE A 1 1 ? -4.249  -9.374  1.250   1.00 9.94  ?  1   PHE A H3   1 
ATOM   15  H HA   . PHE A 1 1 ? -5.145  -10.248 -1.200  1.00 9.02  ?  1   PHE A HA   1 
ATOM   16  H HB2  . PHE A 1 1 ? -7.210  -10.623 -0.348  1.00 9.34  ?  1   PHE A HB2  1 
ATOM   17  H HB3  . PHE A 1 1 ? -6.182  -11.479 0.507   1.00 9.34  ?  1   PHE A HB3  1 
ATOM   18  H HD1  . PHE A 1 1 ? -5.761  -10.850 2.856   1.00 14.22 ?  1   PHE A HD1  1 
ATOM   19  H HD2  . PHE A 1 1 ? -8.439  -8.885  0.664   1.00 12.95 ?  1   PHE A HD2  1 
ATOM   20  H HE1  . PHE A 1 1 ? -6.608  -9.852  4.767   1.00 15.98 ?  1   PHE A HE1  1 
ATOM   21  H HE2  . PHE A 1 1 ? -9.297  -7.929  2.578   1.00 15.06 ?  1   PHE A HE2  1 
ATOM   22  H HZ   . PHE A 1 1 ? -8.370  -8.409  4.621   1.00 16.06 ?  1   PHE A HZ   1 
HETATM 23  N N    . DLE A 1 2 ? -6.414  -8.107  -1.620  1.00 6.72  ?  2   DLE A N    1 
HETATM 24  C CA   . DLE A 1 2 ? -6.923  -6.779  -1.886  1.00 6.36  ?  2   DLE A CA   1 
HETATM 25  C CB   . DLE A 1 2 ? -8.069  -6.901  -2.878  1.00 6.12  ?  2   DLE A CB   1 
HETATM 26  C CG   . DLE A 1 2 ? -9.295  -7.655  -2.392  1.00 6.16  ?  2   DLE A CG   1 
HETATM 27  C CD1  . DLE A 1 2 ? -10.046 -6.860  -1.347  1.00 8.40  ?  2   DLE A CD1  1 
HETATM 28  C CD2  . DLE A 1 2 ? -10.194 -8.039  -3.562  1.00 8.83  ?  2   DLE A CD2  1 
HETATM 29  C C    . DLE A 1 2 ? -5.881  -5.818  -2.436  1.00 5.41  ?  2   DLE A C    1 
HETATM 30  O O    . DLE A 1 2 ? -6.039  -4.609  -2.281  1.00 6.63  ?  2   DLE A O    1 
HETATM 31  H H    . DLE A 1 2 ? -6.644  -8.691  -2.207  1.00 8.06  ?  2   DLE A H    1 
HETATM 32  H HA   . DLE A 1 2 ? -7.224  -6.394  -1.049  1.00 7.64  ?  2   DLE A HA   1 
HETATM 33  H HB2  . DLE A 1 2 ? -7.740  -7.364  -3.664  1.00 7.35  ?  2   DLE A HB2  1 
HETATM 34  H HB3  . DLE A 1 2 ? -8.358  -6.006  -3.116  1.00 7.35  ?  2   DLE A HB3  1 
HETATM 35  H HG   . DLE A 1 2 ? -9.008  -8.478  -1.967  1.00 7.39  ?  2   DLE A HG   1 
HETATM 36  H HD11 . DLE A 1 2 ? -9.460  -6.700  -0.590  1.00 10.08 ?  2   DLE A HD11 1 
HETATM 37  H HD12 . DLE A 1 2 ? -10.822 -7.368  -1.061  1.00 10.08 ?  2   DLE A HD12 1 
HETATM 38  H HD13 . DLE A 1 2 ? -10.327 -6.016  -1.732  1.00 10.08 ?  2   DLE A HD13 1 
HETATM 39  H HD21 . DLE A 1 2 ? -9.670  -8.531  -4.215  1.00 10.60 ?  2   DLE A HD21 1 
HETATM 40  H HD22 . DLE A 1 2 ? -10.919 -8.594  -3.236  1.00 10.60 ?  2   DLE A HD22 1 
HETATM 41  H HD23 . DLE A 1 2 ? -10.550 -7.232  -3.966  1.00 10.60 ?  2   DLE A HD23 1 
HETATM 42  N N    . DLY A 1 3 ? -4.882  -6.337  -3.148  1.00 5.82  ?  3   DLY A N    1 
HETATM 43  C CA   . DLY A 1 3 ? -3.845  -5.496  -3.753  1.00 6.32  ?  3   DLY A CA   1 
HETATM 44  C C    . DLY A 1 3 ? -2.686  -5.263  -2.820  1.00 6.59  ?  3   DLY A C    1 
HETATM 45  O O    . DLY A 1 3 ? -2.450  -6.018  -1.909  1.00 7.09  ?  3   DLY A O    1 
HETATM 46  C CB   . DLY A 1 3 ? -3.294  -6.131  -5.027  1.00 7.12  ?  3   DLY A CB   1 
HETATM 47  C CG   . DLY A 1 3 ? -4.411  -6.338  -6.040  1.00 11.64 ?  3   DLY A CG   1 
HETATM 48  C CD   . DLY A 1 3 ? -3.892  -6.483  -7.470  1.00 13.39 ?  3   DLY A CD   1 
HETATM 49  C CE   . DLY A 1 3 ? -3.773  -5.064  -7.998  1.00 24.67 ?  3   DLY A CE   1 
HETATM 50  N NZ   . DLY A 1 3 ? -3.224  -5.111  -9.341  1.00 35.55 ?  3   DLY A NZ   1 
HETATM 51  H H    . DLY A 1 3 ? -4.831  -7.176  -3.280  1.00 6.98  ?  3   DLY A H    1 
HETATM 52  H HA   . DLY A 1 3 ? -4.274  -4.649  -3.954  1.00 7.59  ?  3   DLY A HA   1 
HETATM 53  H HB2  . DLY A 1 3 ? -2.895  -6.989  -4.811  1.00 8.55  ?  3   DLY A HB2  1 
HETATM 54  H HB3  . DLY A 1 3 ? -2.618  -5.549  -5.409  1.00 8.55  ?  3   DLY A HB3  1 
HETATM 55  H HG2  . DLY A 1 3 ? -5.009  -5.574  -6.002  1.00 13.96 ?  3   DLY A HG2  1 
HETATM 56  H HG3  . DLY A 1 3 ? -4.900  -7.143  -5.805  1.00 13.96 ?  3   DLY A HG3  1 
HETATM 57  H HD2  . DLY A 1 3 ? -4.515  -6.994  -8.007  1.00 16.07 ?  3   DLY A HD2  1 
HETATM 58  H HD3  . DLY A 1 3 ? -3.026  -6.920  -7.474  1.00 16.07 ?  3   DLY A HD3  1 
HETATM 59  H HE2  . DLY A 1 3 ? -3.185  -4.550  -7.423  1.00 29.60 ?  3   DLY A HE2  1 
HETATM 60  H HE3  . DLY A 1 3 ? -4.650  -4.649  -8.018  1.00 29.60 ?  3   DLY A HE3  1 
HETATM 61  H HZ1  . DLY A 1 3 ? -2.741  -5.852  -9.439  1.00 42.66 ?  3   DLY A HZ1  1 
HETATM 62  H HZ2  . DLY A 1 3 ? -3.887  -5.110  -9.934  1.00 42.66 ?  3   DLY A HZ2  1 
HETATM 63  H HZ3  . DLY A 1 3 ? -2.705  -4.400  -9.476  1.00 42.66 ?  3   DLY A HZ3  1 
ATOM   64  N N    . SER A 1 4 ? -1.977  -4.167  -3.068  1.00 6.88  ?  4   SER A N    1 
ATOM   65  C CA   . SER A 1 4 ? -0.677  -3.948  -2.450  1.00 7.56  ?  4   SER A CA   1 
ATOM   66  C C    . SER A 1 4 ? -0.705  -3.359  -1.061  1.00 6.58  ?  4   SER A C    1 
ATOM   67  O O    . SER A 1 4 ? 0.334   -3.394  -0.401  1.00 8.42  ?  4   SER A O    1 
ATOM   68  C CB   . SER A 1 4 ? 0.128   -3.003  -3.327  1.00 7.24  ?  4   SER A CB   1 
ATOM   69  O OG   . SER A 1 4 ? -0.456  -1.706  -3.288  1.00 7.23  ?  4   SER A OG   1 
ATOM   70  H H    . SER A 1 4 ? -2.230  -3.534  -3.591  1.00 8.26  ?  4   SER A H    1 
ATOM   71  H HA   . SER A 1 4 ? -0.269  -4.824  -2.365  1.00 9.07  ?  4   SER A HA   1 
ATOM   72  H HB2  . SER A 1 4 ? 1.038   -2.956  -2.995  1.00 8.69  ?  4   SER A HB2  1 
ATOM   73  H HB3  . SER A 1 4 ? 0.124   -3.331  -4.239  1.00 8.69  ?  4   SER A HB3  1 
ATOM   74  H HG   . SER A 1 4 ? -0.123  -1.223  -3.890  1.00 8.68  ?  4   SER A HG   1 
HETATM 75  N N    . OWF A 1 5 ? -1.828  -2.759  -0.638  1.00 6.85  ?  5   OWF A N    1 
HETATM 76  C CA   . OWF A 1 5 ? -1.787  -1.955  0.569   1.00 6.64  ?  5   OWF A CA   1 
HETATM 77  C C    . OWF A 1 5 ? -1.864  -0.458  0.285   1.00 5.97  ?  5   OWF A C    1 
HETATM 78  O O    . OWF A 1 5 ? -2.038  0.298   1.218   1.00 7.34  ?  5   OWF A O    1 
HETATM 79  C CB   . OWF A 1 5 ? -2.946  -2.347  1.479   1.00 8.21  ?  5   OWF A CB   1 
HETATM 80  O OB1  . OWF A 1 5 ? -4.106  -1.751  0.972   1.00 7.34  ?  5   OWF A OB1  1 
HETATM 81  C CG   . OWF A 1 5 ? -2.805  -1.824  2.909   1.00 9.05  ?  5   OWF A CG   1 
HETATM 82  O OD1  . OWF A 1 5 ? -3.601  -1.102  3.459   1.00 9.33  ?  5   OWF A OD1  1 
HETATM 83  N ND2  . OWF A 1 5 ? -1.655  -2.275  3.609   1.00 10.87 ?  5   OWF A ND2  1 
HETATM 84  H H    . OWF A 1 5 ? -2.566  -2.835  -1.046  1.00 8.23  ?  5   OWF A H    1 
HETATM 85  H HA   . OWF A 1 5 ? -0.935  -2.128  0.998   1.00 7.97  ?  5   OWF A HA   1 
HETATM 86  H HB1  . OWF A 1 5 ? -2.967  -3.317  1.501   1.00 9.85  ?  5   OWF A HB1  1 
HETATM 87  H HD22 . OWF A 1 5 ? -1.514  -2.020  4.418   1.00 13.05 ?  5   OWF A HD22 1 
HETATM 88  H HD21 . OWF A 1 5 ? -1.095  -2.797  3.217   1.00 13.05 ?  5   OWF A HD21 1 
ATOM   89  N N    . ALA A 1 6 ? -1.755  -0.075  -0.982  1.00 6.25  ?  6   ALA A N    1 
ATOM   90  C CA   . ALA A 1 6 ? -1.927  1.341   -1.332  1.00 6.58  ?  6   ALA A CA   1 
ATOM   91  C C    . ALA A 1 6 ? -3.394  1.716   -1.124  1.00 5.69  ?  6   ALA A C    1 
ATOM   92  O O    . ALA A 1 6 ? -3.718  2.486   -0.244  1.00 6.80  ?  6   ALA A O    1 
ATOM   93  C CB   . ALA A 1 6 ? -1.452  1.598   -2.735  1.00 7.68  ?  6   ALA A CB   1 
ATOM   94  H H    . ALA A 1 6 ? -1.587  -0.598  -1.643  1.00 7.50  ?  6   ALA A H    1 
ATOM   95  H HA   . ALA A 1 6 ? -1.385  1.915   -0.769  1.00 7.90  ?  6   ALA A HA   1 
ATOM   96  H HB1  . ALA A 1 6 ? -1.683  2.507   -2.985  1.00 9.21  ?  6   ALA A HB1  1 
ATOM   97  H HB2  . ALA A 1 6 ? -0.490  1.479   -2.769  1.00 9.21  ?  6   ALA A HB2  1 
ATOM   98  H HB3  . ALA A 1 6 ? -1.885  0.970   -3.335  1.00 9.21  ?  6   ALA A HB3  1 
ATOM   99  N N    . LEU A 1 7 ? -4.299  1.139   -1.910  1.00 6.07  ?  7   LEU A N    1 
ATOM   100 C CA   . LEU A 1 7 ? -5.722  1.395   -1.711  1.00 5.86  ?  7   LEU A CA   1 
ATOM   101 C C    . LEU A 1 7 ? -6.259  0.646   -0.508  1.00 6.37  ?  7   LEU A C    1 
ATOM   102 O O    . LEU A 1 7 ? -6.941  1.236   0.345   1.00 6.22  ?  7   LEU A O    1 
ATOM   103 C CB   . LEU A 1 7 ? -6.512  1.000   -2.953  1.00 7.87  ?  7   LEU A CB   1 
ATOM   104 C CG   . LEU A 1 7 ? -6.338  1.888   -4.171  1.00 8.28  ?  7   LEU A CG   1 
ATOM   105 C CD1  . LEU A 1 7 ? -7.003  1.267   -5.393  1.00 11.03 ?  7   LEU A CD1  1 
ATOM   106 C CD2  . LEU A 1 7 ? -6.872  3.273   -3.970  1.00 10.37 ?  7   LEU A CD2  1 
ATOM   107 H H    . LEU A 1 7 ? -4.117  0.603   -2.558  1.00 7.28  ?  7   LEU A H    1 
ATOM   108 H HA   . LEU A 1 7 ? -5.840  2.347   -1.562  1.00 7.04  ?  7   LEU A HA   1 
ATOM   109 H HB2  . LEU A 1 7 ? -6.243  0.105   -3.210  1.00 9.45  ?  7   LEU A HB2  1 
ATOM   110 H HB3  . LEU A 1 7 ? -7.456  1.009   -2.725  1.00 9.45  ?  7   LEU A HB3  1 
ATOM   111 H HG   . LEU A 1 7 ? -5.382  1.966   -4.322  1.00 9.94  ?  7   LEU A HG   1 
ATOM   112 H HD11 . LEU A 1 7 ? -6.943  1.889   -6.136  1.00 13.23 ?  7   LEU A HD11 1 
ATOM   113 H HD12 . LEU A 1 7 ? -6.548  0.441   -5.615  1.00 13.23 ?  7   LEU A HD12 1 
ATOM   114 H HD13 . LEU A 1 7 ? -7.934  1.087   -5.188  1.00 13.23 ?  7   LEU A HD13 1 
ATOM   115 H HD21 . LEU A 1 7 ? -6.823  3.755   -4.810  1.00 12.44 ?  7   LEU A HD21 1 
ATOM   116 H HD22 . LEU A 1 7 ? -7.794  3.215   -3.675  1.00 12.44 ?  7   LEU A HD22 1 
ATOM   117 H HD23 . LEU A 1 7 ? -6.337  3.723   -3.298  1.00 12.44 ?  7   LEU A HD23 1 
ATOM   118 N N    . LEU A 1 8 ? -5.971  -0.652  -0.416  1.00 6.77  ?  8   LEU A N    1 
ATOM   119 C CA   . LEU A 1 8 ? -6.488  -1.485  0.643   1.00 6.65  ?  8   LEU A CA   1 
ATOM   120 C C    . LEU A 1 8 ? -5.344  -2.211  1.299   1.00 7.72  ?  8   LEU A C    1 
ATOM   121 O O    . LEU A 1 8 ? -5.471  -3.226  1.987   1.00 8.71  ?  8   LEU A O    1 
ATOM   122 C CB   . LEU A 1 8 ? -7.499  -2.491  0.112   1.00 7.66  ?  8   LEU A CB   1 
ATOM   123 C CG   . LEU A 1 8 ? -8.700  -1.884  -0.586  1.00 7.41  ?  8   LEU A CG   1 
ATOM   124 C CD1  . LEU A 1 8 ? -9.545  -2.968  -1.224  1.00 9.08  ?  8   LEU A CD1  1 
ATOM   125 C CD2  . LEU A 1 8 ? -9.538  -1.055  0.391   1.00 10.84 ?  8   LEU A CD2  1 
ATOM   126 H H    . LEU A 1 8 ? -5.466  -1.073  -0.971  1.00 8.12  ?  8   LEU A H    1 
ATOM   127 H HA   . LEU A 1 8 ? -6.950  -0.933  1.295   1.00 7.98  ?  8   LEU A HA   1 
ATOM   128 H HB2  . LEU A 1 8 ? -7.051  -3.067  -0.528  1.00 9.20  ?  8   LEU A HB2  1 
ATOM   129 H HB3  . LEU A 1 8 ? -7.828  -3.017  0.857   1.00 9.20  ?  8   LEU A HB3  1 
ATOM   130 H HG   . LEU A 1 8 ? -8.389  -1.289  -1.286  1.00 8.89  ?  8   LEU A HG   1 
ATOM   131 H HD11 . LEU A 1 8 ? -10.286 -2.555  -1.696  1.00 10.90 ?  8   LEU A HD11 1 
ATOM   132 H HD12 . LEU A 1 8 ? -8.995  -3.470  -1.848  1.00 10.90 ?  8   LEU A HD12 1 
ATOM   133 H HD13 . LEU A 1 8 ? -9.880  -3.557  -0.531  1.00 10.90 ?  8   LEU A HD13 1 
ATOM   134 H HD21 . LEU A 1 8 ? -10.335 -0.741  -0.063  1.00 13.01 ?  8   LEU A HD21 1 
ATOM   135 H HD22 . LEU A 1 8 ? -9.786  -1.613  1.146   1.00 13.01 ?  8   LEU A HD22 1 
ATOM   136 H HD23 . LEU A 1 8 ? -9.012  -0.300  0.697   1.00 13.01 ?  8   LEU A HD23 1 
ATOM   137 N N    . PHE B 1 1 ? 2.524   8.789   5.176   1.00 9.09  ?  1   PHE B N    1 
ATOM   138 C CA   . PHE B 1 1 ? 3.765   8.327   5.833   1.00 7.66  ?  1   PHE B CA   1 
ATOM   139 C C    . PHE B 1 1 ? 4.291   7.091   5.126   1.00 8.11  ?  1   PHE B C    1 
ATOM   140 O O    . PHE B 1 1 ? 3.579   6.093   5.056   1.00 9.07  ?  1   PHE B O    1 
ATOM   141 C CB   . PHE B 1 1 ? 3.506   8.028   7.288   1.00 8.27  ?  1   PHE B CB   1 
ATOM   142 C CG   . PHE B 1 1 ? 4.715   7.559   8.014   1.00 7.79  ?  1   PHE B CG   1 
ATOM   143 C CD1  . PHE B 1 1 ? 5.770   8.422   8.242   1.00 8.85  ?  1   PHE B CD1  1 
ATOM   144 C CD2  . PHE B 1 1 ? 4.823   6.248   8.451   1.00 8.48  ?  1   PHE B CD2  1 
ATOM   145 C CE1  . PHE B 1 1 ? 6.917   7.981   8.917   1.00 9.34  ?  1   PHE B CE1  1 
ATOM   146 C CE2  . PHE B 1 1 ? 5.946   5.819   9.138   1.00 7.83  ?  1   PHE B CE2  1 
ATOM   147 C CZ   . PHE B 1 1 ? 6.990   6.681   9.378   1.00 8.75  ?  1   PHE B CZ   1 
ATOM   148 H H1   . PHE B 1 1 ? 2.294   9.584   5.503   1.00 10.91 ?  1   PHE B H1   1 
ATOM   149 H H2   . PHE B 1 1 ? 2.660   8.856   4.300   1.00 10.91 ?  1   PHE B H2   1 
ATOM   150 H H3   . PHE B 1 1 ? 1.871   8.204   5.332   1.00 10.91 ?  1   PHE B H3   1 
ATOM   151 H HA   . PHE B 1 1 ? 4.442   9.021   5.791   1.00 9.19  ?  1   PHE B HA   1 
ATOM   152 H HB2  . PHE B 1 1 ? 3.191   8.836   7.723   1.00 9.92  ?  1   PHE B HB2  1 
ATOM   153 H HB3  . PHE B 1 1 ? 2.831   7.334   7.351   1.00 9.92  ?  1   PHE B HB3  1 
ATOM   154 H HD1  . PHE B 1 1 ? 5.719   9.302   7.946   1.00 10.62 ?  1   PHE B HD1  1 
ATOM   155 H HD2  . PHE B 1 1 ? 4.133   5.650   8.280   1.00 10.17 ?  1   PHE B HD2  1 
ATOM   156 H HE1  . PHE B 1 1 ? 7.628   8.564   9.054   1.00 11.20 ?  1   PHE B HE1  1 
ATOM   157 H HE2  . PHE B 1 1 ? 5.994   4.941   9.440   1.00 9.40  ?  1   PHE B HE2  1 
ATOM   158 H HZ   . PHE B 1 1 ? 7.739   6.391   9.845   1.00 10.50 ?  1   PHE B HZ   1 
HETATM 159 N N    . DLE B 1 2 ? 5.514   7.164   4.597   1.00 7.20  ?  2   DLE B N    1 
HETATM 160 C CA   . DLE B 1 2 ? 6.201   6.023   4.013   1.00 7.84  ?  2   DLE B CA   1 
HETATM 161 C CB   . DLE B 1 2 ? 7.691   6.255   4.141   1.00 8.40  ?  2   DLE B CB   1 
HETATM 162 C CG   . DLE B 1 2 ? 8.234   6.361   5.567   1.00 10.74 ?  2   DLE B CG   1 
HETATM 163 C CD1  . DLE B 1 2 ? 8.242   4.993   6.256   1.00 10.70 ?  2   DLE B CD1  1 
HETATM 164 C CD2  . DLE B 1 2 ? 9.627   6.972   5.568   1.00 12.87 ?  2   DLE B CD2  1 
HETATM 165 C C    . DLE B 1 2 ? 5.864   5.747   2.563   1.00 7.56  ?  2   DLE B C    1 
HETATM 166 O O    . DLE B 1 2 ? 6.153   4.642   2.071   1.00 9.03  ?  2   DLE B O    1 
HETATM 167 H H    . DLE B 1 2 ? 5.977   7.887   4.566   1.00 8.64  ?  2   DLE B H    1 
HETATM 168 H HA   . DLE B 1 2 ? 5.915   5.230   4.495   1.00 9.41  ?  2   DLE B HA   1 
HETATM 169 H HB2  . DLE B 1 2 ? 7.908   7.086   3.689   1.00 10.08 ?  2   DLE B HB2  1 
HETATM 170 H HB3  . DLE B 1 2 ? 8.150   5.515   3.712   1.00 10.08 ?  2   DLE B HB3  1 
HETATM 171 H HG   . DLE B 1 2 ? 7.650   6.943   6.077   1.00 12.89 ?  2   DLE B HG   1 
HETATM 172 H HD11 . DLE B 1 2 ? 8.609   5.091   7.147   1.00 12.85 ?  2   DLE B HD11 1 
HETATM 173 H HD12 . DLE B 1 2 ? 8.787   4.381   5.737   1.00 12.85 ?  2   DLE B HD12 1 
HETATM 174 H HD13 . DLE B 1 2 ? 7.331   4.660   6.308   1.00 12.85 ?  2   DLE B HD13 1 
HETATM 175 H HD21 . DLE B 1 2 ? 9.938   7.047   6.484   1.00 15.45 ?  2   DLE B HD21 1 
HETATM 176 H HD22 . DLE B 1 2 ? 9.587   7.850   5.160   1.00 15.45 ?  2   DLE B HD22 1 
HETATM 177 H HD23 . DLE B 1 2 ? 10.224  6.399   5.062   1.00 15.45 ?  2   DLE B HD23 1 
HETATM 178 N N    . DLY B 1 3 ? 5.282   6.718   1.866   1.00 7.29  ?  3   DLY B N    1 
HETATM 179 C CA   . DLY B 1 3 ? 4.955   6.531   0.466   1.00 6.99  ?  3   DLY B CA   1 
HETATM 180 C C    . DLY B 1 3 ? 3.534   5.979   0.274   1.00 7.77  ?  3   DLY B C    1 
HETATM 181 O O    . DLY B 1 3 ? 2.664   6.204   1.075   1.00 7.85  ?  3   DLY B O    1 
HETATM 182 C CB   . DLY B 1 3 ? 5.015   7.864   -0.271  1.00 7.67  ?  3   DLY B CB   1 
HETATM 183 C CG   . DLY B 1 3 ? 6.429   8.310   -0.548  1.00 10.33 ?  3   DLY B CG   1 
HETATM 184 C CD   . DLY B 1 3 ? 6.410   9.601   -1.372  1.00 13.14 ?  3   DLY B CD   1 
HETATM 185 C CE   . DLY B 1 3 ? 7.820   10.010  -1.773  1.00 17.06 ?  3   DLY B CE   1 
HETATM 186 N NZ   . DLY B 1 3 ? 7.767   11.330  -2.390  1.00 28.20 ?  3   DLY B NZ   1 
HETATM 187 H H    . DLY B 1 3 ? 5.075   7.466   2.221   1.00 8.75  ?  3   DLY B H    1 
HETATM 188 H HA   . DLY B 1 3 ? 5.602   5.900   0.116   1.00 8.39  ?  3   DLY B HA   1 
HETATM 189 H HB2  . DLY B 1 3 ? 4.577   8.539   0.271   1.00 9.21  ?  3   DLY B HB2  1 
HETATM 190 H HB3  . DLY B 1 3 ? 4.545   7.773   -1.115  1.00 9.21  ?  3   DLY B HB3  1 
HETATM 191 H HG2  . DLY B 1 3 ? 6.894   7.618   -1.045  1.00 12.40 ?  3   DLY B HG2  1 
HETATM 192 H HG3  . DLY B 1 3 ? 6.888   8.469   0.291   1.00 12.40 ?  3   DLY B HG3  1 
HETATM 193 H HD2  . DLY B 1 3 ? 6.011   10.310  -0.843  1.00 15.77 ?  3   DLY B HD2  1 
HETATM 194 H HD3  . DLY B 1 3 ? 5.880   9.460   -2.173  1.00 15.77 ?  3   DLY B HD3  1 
HETATM 195 H HE2  . DLY B 1 3 ? 8.178   9.367   -2.405  1.00 20.47 ?  3   DLY B HE2  1 
HETATM 196 H HE3  . DLY B 1 3 ? 8.386   10.040  -0.985  1.00 20.47 ?  3   DLY B HE3  1 
HETATM 197 H HZ1  . DLY B 1 3 ? 7.317   11.281  -3.157  1.00 33.84 ?  3   DLY B HZ1  1 
HETATM 198 H HZ2  . DLY B 1 3 ? 8.595   11.615  -2.551  1.00 33.84 ?  3   DLY B HZ2  1 
HETATM 199 H HZ3  . DLY B 1 3 ? 7.359   11.899  -1.841  1.00 33.84 ?  3   DLY B HZ3  1 
ATOM   200 N N    . SER B 1 4 ? 3.320   5.301   -0.848  1.00 7.37  ?  4   SER B N    1 
ATOM   201 C CA   . SER B 1 4 ? 1.980   4.935   -1.265  1.00 8.26  ?  4   SER B CA   1 
ATOM   202 C C    . SER B 1 4 ? 1.303   3.894   -0.398  1.00 8.02  ?  4   SER B C    1 
ATOM   203 O O    . SER B 1 4 ? 0.069   3.804   -0.399  1.00 8.59  ?  4   SER B O    1 
ATOM   204 C CB   . SER B 1 4 ? 2.028   4.418   -2.689  1.00 9.60  ?  4   SER B CB   1 
ATOM   205 O OG   . SER B 1 4 ? 2.653   3.144   -2.714  1.00 10.72 ?  4   SER B OG   1 
ATOM   206 H H    . SER B 1 4 ? 3.939   5.041   -1.386  1.00 8.85  ?  4   SER B H    1 
ATOM   207 H HA   . SER B 1 4 ? 1.436   5.735   -1.193  1.00 9.91  ?  4   SER B HA   1 
ATOM   208 H HB2  . SER B 1 4 ? 1.124   4.338   -3.032  1.00 11.52 ?  4   SER B HB2  1 
ATOM   209 H HB3  . SER B 1 4 ? 2.537   5.036   -3.237  1.00 11.52 ?  4   SER B HB3  1 
ATOM   210 H HG   . SER B 1 4 ? 2.889   2.954   -3.497  1.00 12.87 ?  4   SER B HG   1 
HETATM 211 N N    . OWF B 1 5 ? 2.077   3.052   0.290   1.00 7.01  ?  5   OWF B N    1 
HETATM 212 C CA   . OWF B 1 5 ? 1.476   1.899   0.950   1.00 7.37  ?  5   OWF B CA   1 
HETATM 213 C C    . OWF B 1 5 ? 1.625   0.613   0.135   1.00 6.61  ?  5   OWF B C    1 
HETATM 214 O O    . OWF B 1 5 ? 1.229   -0.423  0.604   1.00 7.76  ?  5   OWF B O    1 
HETATM 215 C CB   . OWF B 1 5 ? 2.146   1.667   2.308   1.00 8.03  ?  5   OWF B CB   1 
HETATM 216 O OB1  . OWF B 1 5 ? 3.426   1.145   2.060   1.00 7.34  ?  5   OWF B OB1  1 
HETATM 217 C CG   . OWF B 1 5 ? 1.384   0.673   3.171   1.00 7.40  ?  5   OWF B CG   1 
HETATM 218 O OD1  . OWF B 1 5 ? 1.820   -0.393  3.522   1.00 9.48  ?  5   OWF B OD1  1 
HETATM 219 N ND2  . OWF B 1 5 ? 0.091   1.087   3.538   1.00 9.18  ?  5   OWF B ND2  1 
HETATM 220 H H    . OWF B 1 5 ? 2.923   3.161   0.360   1.00 8.41  ?  5   OWF B H    1 
HETATM 221 H HA   . OWF B 1 5 ? 0.532   2.100   1.049   1.00 8.84  ?  5   OWF B HA   1 
HETATM 222 H HB1  . OWF B 1 5 ? 2.172   2.511   2.786   1.00 9.64  ?  5   OWF B HB1  1 
HETATM 223 H HD22 . OWF B 1 5 ? -0.407  0.576   4.020   1.00 11.02 ?  5   OWF B HD22 1 
HETATM 224 H HD21 . OWF B 1 5 ? -0.198  1.851   3.270   1.00 11.02 ?  5   OWF B HD21 1 
ATOM   225 N N    . ALA B 1 6 ? 2.221   0.678   -1.044  1.00 6.57  ?  6   ALA B N    1 
ATOM   226 C CA   . ALA B 1 6 ? 2.493   -0.540  -1.787  1.00 6.21  ?  6   ALA B CA   1 
ATOM   227 C C    . ALA B 1 6 ? 3.771   -1.143  -1.186  1.00 6.29  ?  6   ALA B C    1 
ATOM   228 O O    . ALA B 1 6 ? 3.733   -2.195  -0.577  1.00 7.67  ?  6   ALA B O    1 
ATOM   229 C CB   . ALA B 1 6 ? 2.620   -0.254  -3.288  1.00 7.49  ?  6   ALA B CB   1 
ATOM   230 H H    . ALA B 1 6 ? 2.473   1.404   -1.429  1.00 7.89  ?  6   ALA B H    1 
ATOM   231 H HA   . ALA B 1 6 ? 1.766   -1.179  -1.724  1.00 7.45  ?  6   ALA B HA   1 
ATOM   232 H HB1  . ALA B 1 6 ? 2.779   -1.089  -3.755  1.00 8.99  ?  6   ALA B HB1  1 
ATOM   233 H HB2  . ALA B 1 6 ? 1.796   0.149   -3.603  1.00 8.99  ?  6   ALA B HB2  1 
ATOM   234 H HB3  . ALA B 1 6 ? 3.362   0.353   -3.433  1.00 8.99  ?  6   ALA B HB3  1 
ATOM   235 N N    . LEU B 1 7 ? 4.913   -0.471  -1.337  1.00 6.99  ?  7   LEU B N    1 
ATOM   236 C CA   . LEU B 1 7 ? 6.149   -0.961  -0.708  1.00 6.55  ?  7   LEU B CA   1 
ATOM   237 C C    . LEU B 1 7 ? 6.070   -0.887  0.813   1.00 6.57  ?  7   LEU B C    1 
ATOM   238 O O    . LEU B 1 7 ? 6.306   -1.879  1.515   1.00 7.23  ?  7   LEU B O    1 
ATOM   239 C CB   . LEU B 1 7 ? 7.343   -0.157  -1.209  1.00 8.27  ?  7   LEU B CB   1 
ATOM   240 C CG   . LEU B 1 7 ? 8.678   -0.621  -0.596  1.00 8.98  ?  7   LEU B CG   1 
ATOM   241 C CD1  . LEU B 1 7 ? 9.118   -1.946  -1.195  1.00 12.16 ?  7   LEU B CD1  1 
ATOM   242 C CD2  . LEU B 1 7 ? 9.764   0.424   -0.783  1.00 12.65 ?  7   LEU B CD2  1 
ATOM   243 H H    . LEU B 1 7 ? 5.002   0.255   -1.788  1.00 8.39  ?  7   LEU B H    1 
ATOM   244 H HA   . LEU B 1 7 ? 6.272   -1.889  -0.960  1.00 7.86  ?  7   LEU B HA   1 
ATOM   245 H HB2  . LEU B 1 7 ? 7.406   -0.253  -2.172  1.00 9.92  ?  7   LEU B HB2  1 
ATOM   246 H HB3  . LEU B 1 7 ? 7.214   0.776   -0.977  1.00 9.92  ?  7   LEU B HB3  1 
ATOM   247 H HG   . LEU B 1 7 ? 8.544   -0.747  0.356   1.00 10.78 ?  7   LEU B HG   1 
ATOM   248 H HD11 . LEU B 1 7 ? 9.952   -2.219  -0.780  1.00 14.59 ?  7   LEU B HD11 1 
ATOM   249 H HD12 . LEU B 1 7 ? 8.433   -2.612  -1.029  1.00 14.59 ?  7   LEU B HD12 1 
ATOM   250 H HD13 . LEU B 1 7 ? 9.246   -1.834  -2.151  1.00 14.59 ?  7   LEU B HD13 1 
ATOM   251 H HD21 . LEU B 1 7 ? 10.603  0.070   -0.448  1.00 15.18 ?  7   LEU B HD21 1 
ATOM   252 H HD22 . LEU B 1 7 ? 9.845   0.630   -1.727  1.00 15.18 ?  7   LEU B HD22 1 
ATOM   253 H HD23 . LEU B 1 7 ? 9.521   1.222   -0.290  1.00 15.18 ?  7   LEU B HD23 1 
ATOM   254 N N    . LEU B 1 8 ? 5.763   0.295   1.334   1.00 7.05  ?  8   LEU B N    1 
ATOM   255 C CA   . LEU B 1 8 ? 5.661   0.528   2.766   1.00 7.40  ?  8   LEU B CA   1 
ATOM   256 C C    . LEU B 1 8 ? 4.320   1.150   3.090   1.00 8.88  ?  8   LEU B C    1 
ATOM   257 O O    . LEU B 1 8 ? 4.030   1.619   4.193   1.00 10.73 ?  8   LEU B O    1 
ATOM   258 C CB   . LEU B 1 8 ? 6.756   1.440   3.297   1.00 7.41  ?  8   LEU B CB   1 
ATOM   259 C CG   . LEU B 1 8 ? 8.167   0.942   3.099   1.00 8.14  ?  8   LEU B CG   1 
ATOM   260 C CD1  . LEU B 1 8 ? 9.117   1.979   3.613   1.00 12.53 ?  8   LEU B CD1  1 
ATOM   261 C CD2  . LEU B 1 8 ? 8.393   -0.418  3.728   1.00 9.85  ?  8   LEU B CD2  1 
ATOM   262 H H    . LEU B 1 8 ? 5.605   0.998   0.864   1.00 8.47  ?  8   LEU B H    1 
ATOM   263 H HA   . LEU B 1 8 ? 5.763   -0.327  3.211   1.00 8.88  ?  8   LEU B HA   1 
ATOM   264 H HB2  . LEU B 1 8 ? 6.685   2.296   2.847   1.00 8.90  ?  8   LEU B HB2  1 
ATOM   265 H HB3  . LEU B 1 8 ? 6.621   1.554   4.251   1.00 8.90  ?  8   LEU B HB3  1 
ATOM   266 H HG   . LEU B 1 8 ? 8.337   0.806   2.154   1.00 9.77  ?  8   LEU B HG   1 
ATOM   267 H HD11 . LEU B 1 8 ? 10.025  1.696   3.425   1.00 15.04 ?  8   LEU B HD11 1 
ATOM   268 H HD12 . LEU B 1 8 ? 8.935   2.822   3.169   1.00 15.04 ?  8   LEU B HD12 1 
ATOM   269 H HD13 . LEU B 1 8 ? 8.991   2.076   4.569   1.00 15.04 ?  8   LEU B HD13 1 
ATOM   270 H HD21 . LEU B 1 8 ? 9.326   -0.662  3.627   1.00 11.82 ?  8   LEU B HD21 1 
ATOM   271 H HD22 . LEU B 1 8 ? 8.163   -0.374  4.670   1.00 11.82 ?  8   LEU B HD22 1 
ATOM   272 H HD23 . LEU B 1 8 ? 7.831   -1.070  3.282   1.00 11.82 ?  8   LEU B HD23 1 
HETATM 273 C C    . ACT C 2 . ? -3.391  -1.259  -4.990  1.00 9.12  ?  101 ACT A C    1 
HETATM 274 O O    . ACT C 2 . ? -3.844  -0.822  -3.942  1.00 8.89  ?  101 ACT A O    1 
HETATM 275 O OXT  . ACT C 2 . ? -3.003  -2.434  -5.199  1.00 10.40 -1 101 ACT A OXT  1 
HETATM 276 C CH3  . ACT C 2 . ? -3.374  -0.281  -6.222  1.00 11.85 ?  101 ACT A CH3  1 
HETATM 277 H H1   . ACT C 2 . ? -2.455  -0.080  -6.461  1.00 14.22 ?  101 ACT A H1   1 
HETATM 278 H H2   . ACT C 2 . ? -3.834  0.541   -5.987  1.00 14.22 ?  101 ACT A H2   1 
HETATM 279 H H3   . ACT C 2 . ? -3.820  -0.699  -6.974  1.00 14.22 ?  101 ACT A H3   1 
HETATM 280 O O    . HOH D 3 . ? 1.520   -5.156  -0.101  1.00 30.65 ?  201 HOH A O    1 
HETATM 281 O O    . HOH D 3 . ? -2.893  -4.462  -11.751 1.00 35.28 ?  202 HOH A O    1 
HETATM 282 O O    . HOH D 3 . ? -5.117  -6.480  -10.466 1.00 24.00 ?  203 HOH A O    1 
HETATM 283 O O    . HOH D 3 . ? -4.409  -2.424  -1.966  1.00 7.17  ?  204 HOH A O    1 
HETATM 284 O O    . HOH D 3 . ? -3.099  -2.630  -10.183 1.00 36.56 ?  205 HOH A O    1 
HETATM 285 O O    . HOH D 3 . ? -1.732  -2.908  -7.460  1.00 20.91 ?  206 HOH A O    1 
HETATM 286 O O    . HOH D 3 . ? -2.276  -8.732  -1.209  1.00 7.55  ?  207 HOH A O    1 
HETATM 287 O O    . HOH D 3 . ? 0.096   -0.448  -5.707  1.00 17.20 ?  208 HOH A O    1 
HETATM 288 O O    . HOH D 3 . ? -4.717  -2.055  5.906   1.00 20.13 ?  209 HOH A O    1 
HETATM 289 O O    . HOH D 3 . ? -6.013  -6.114  2.584   1.00 23.15 ?  210 HOH A O    1 
HETATM 290 O O    . HOH D 3 . ? -3.841  -8.852  3.195   1.00 27.00 ?  211 HOH A O    1 
HETATM 291 O O    . HOH D 3 . ? -1.078  -6.155  0.643   1.00 15.28 ?  212 HOH A O    1 
HETATM 292 O O    . HOH D 3 . ? -3.065  -5.692  0.915   1.00 30.00 ?  213 HOH A O    1 
HETATM 293 O O    . HOH D 3 . ? -0.178  -7.261  -0.450  1.00 31.82 ?  214 HOH A O    1 
HETATM 294 O O    . HOH D 3 . ? -2.624  -7.799  2.442   1.00 40.43 ?  215 HOH A O    1 
HETATM 295 O O    . HOH D 3 . ? 0.041   -5.866  4.765   1.00 26.53 ?  216 HOH A O    1 
HETATM 296 O O    . HOH D 3 . ? -0.613  -0.918  -8.242  1.00 34.75 ?  217 HOH A O    1 
HETATM 297 O O    . HOH D 3 . ? 0.366   -4.462  -7.225  1.00 24.31 ?  218 HOH A O    1 
HETATM 298 O O    . HOH D 3 . ? -6.318  -6.406  5.455   1.00 33.20 ?  219 HOH A O    1 
HETATM 299 O O    . HOH E 3 . ? 6.490   10.646  -4.710  1.00 44.12 ?  101 HOH B O    1 
HETATM 300 O O    . HOH E 3 . ? 5.206   2.873   0.167   1.00 8.31  ?  102 HOH B O    1 
HETATM 301 O O    . HOH E 3 . ? 1.893   4.740   3.321   1.00 13.05 ?  103 HOH B O    1 
HETATM 302 O O    . HOH E 3 . ? 9.878   12.956  -1.452  1.00 37.78 ?  104 HOH B O    1 
HETATM 303 O O    . HOH E 3 . ? 0.286   7.196   5.875   1.00 9.55  ?  105 HOH B O    1 
HETATM 304 O O    . HOH E 3 . ? 5.543   1.716   -3.231  1.00 20.50 ?  106 HOH B O    1 
HETATM 305 O O    . HOH E 3 . ? -1.598  0.254   5.826   1.00 18.70 ?  107 HOH B O    1 
HETATM 306 O O    . HOH E 3 . ? 5.636   5.386   -2.698  1.00 17.08 ?  108 HOH B O    1 
HETATM 307 O O    . HOH E 3 . ? 3.849   2.931   -5.428  1.00 35.61 ?  109 HOH B O    1 
HETATM 308 O O    . HOH E 3 . ? -0.283  3.315   5.624   1.00 41.01 ?  110 HOH B O    1 
HETATM 309 O O    . HOH E 3 . ? 1.518   2.404   -5.503  1.00 32.72 ?  111 HOH B O    1 
HETATM 310 O O    . HOH E 3 . ? 1.987   4.881   7.449   1.00 37.55 ?  112 HOH B O    1 
HETATM 311 O O    . HOH E 3 . ? 4.916   12.680  -3.193  1.00 39.11 ?  113 HOH B O    1 
HETATM 312 O O    . HOH E 3 . ? 1.960   3.449   6.227   1.00 31.03 ?  114 HOH B O    1 
HETATM 313 O O    . HOH E 3 . ? 10.792  9.948   -3.706  1.00 33.35 ?  115 HOH B O    1 
HETATM 314 O O    . HOH E 3 . ? 0.966   1.741   7.250   1.00 34.89 ?  116 HOH B O    1 
HETATM 315 O O    . HOH E 3 . ? 2.765   8.615   -2.966  1.00 27.41 ?  117 HOH B O    1 
HETATM 316 O O    . HOH E 3 . ? 6.784   3.648   -2.182  1.00 20.35 ?  118 HOH B O    1 
HETATM 317 O O    . HOH E 3 . ? 6.936   8.860   -5.557  1.00 38.97 ?  119 HOH B O    1 
HETATM 318 O O    . HOH E 3 . ? 4.625   7.308   -4.194  1.00 33.35 ?  120 HOH B O    1 
HETATM 319 O O    . HOH E 3 . ? 3.808   5.293   -6.063  1.00 42.13 ?  121 HOH B O    1 
HETATM 320 O O    . HOH E 3 . ? 3.038   10.989  -3.564  1.00 31.98 ?  122 HOH B O    1 
HETATM 321 O O    . HOH E 3 . ? -0.184  3.268   8.377   1.00 43.84 ?  123 HOH B O    1 
# 
loop_
_pdbx_poly_seq_scheme.asym_id 
_pdbx_poly_seq_scheme.entity_id 
_pdbx_poly_seq_scheme.seq_id 
_pdbx_poly_seq_scheme.mon_id 
_pdbx_poly_seq_scheme.ndb_seq_num 
_pdbx_poly_seq_scheme.pdb_seq_num 
_pdbx_poly_seq_scheme.auth_seq_num 
_pdbx_poly_seq_scheme.pdb_mon_id 
_pdbx_poly_seq_scheme.auth_mon_id 
_pdbx_poly_seq_scheme.pdb_strand_id 
_pdbx_poly_seq_scheme.pdb_ins_code 
_pdbx_poly_seq_scheme.hetero 
A 1 1 PHE 1 1 1 PHE PHE A . n 
A 1 2 DLE 2 2 2 DLE DLE A . n 
A 1 3 DLY 3 3 3 DLY DLY A . n 
A 1 4 SER 4 4 4 SER SER A . n 
A 1 5 OWF 5 5 5 OWF HSN A . n 
A 1 6 ALA 6 6 6 ALA ALA A . n 
A 1 7 LEU 7 7 7 LEU LEU A . n 
A 1 8 LEU 8 8 8 LEU LEU A . n 
B 1 1 PHE 1 1 1 PHE PHE B . n 
B 1 2 DLE 2 2 2 DLE DLE B . n 
B 1 3 DLY 3 3 3 DLY DLY B . n 
B 1 4 SER 4 4 4 SER SER B . n 
B 1 5 OWF 5 5 5 OWF HSN B . n 
B 1 6 ALA 6 6 6 ALA ALA B . n 
B 1 7 LEU 7 7 7 LEU LEU B . n 
B 1 8 LEU 8 8 8 LEU LEU B . n 
# 
_pdbx_contact_author.id                 5 
_pdbx_contact_author.email              jsnowick@uci.edu 
_pdbx_contact_author.name_first         James 
_pdbx_contact_author.name_last          Nowick 
_pdbx_contact_author.name_mi            ? 
_pdbx_contact_author.role               'principal investigator/group leader' 
_pdbx_contact_author.identifier_ORCID   0000-0002-2273-1029 
# 
loop_
_pdbx_nonpoly_scheme.asym_id 
_pdbx_nonpoly_scheme.entity_id 
_pdbx_nonpoly_scheme.mon_id 
_pdbx_nonpoly_scheme.ndb_seq_num 
_pdbx_nonpoly_scheme.pdb_seq_num 
_pdbx_nonpoly_scheme.auth_seq_num 
_pdbx_nonpoly_scheme.pdb_mon_id 
_pdbx_nonpoly_scheme.auth_mon_id 
_pdbx_nonpoly_scheme.pdb_strand_id 
_pdbx_nonpoly_scheme.pdb_ins_code 
C 2 ACT 1  101 1  ACT ACT A . 
D 3 HOH 1  201 37 HOH HOH A . 
D 3 HOH 2  202 42 HOH HOH A . 
D 3 HOH 3  203 7  HOH HOH A . 
D 3 HOH 4  204 3  HOH HOH A . 
D 3 HOH 5  205 21 HOH HOH A . 
D 3 HOH 6  206 19 HOH HOH A . 
D 3 HOH 7  207 4  HOH HOH A . 
D 3 HOH 8  208 9  HOH HOH A . 
D 3 HOH 9  209 10 HOH HOH A . 
D 3 HOH 10 210 25 HOH HOH A . 
D 3 HOH 11 211 6  HOH HOH A . 
D 3 HOH 12 212 27 HOH HOH A . 
D 3 HOH 13 213 30 HOH HOH A . 
D 3 HOH 14 214 38 HOH HOH A . 
D 3 HOH 15 215 46 HOH HOH A . 
D 3 HOH 16 216 17 HOH HOH A . 
D 3 HOH 17 217 18 HOH HOH A . 
D 3 HOH 18 218 11 HOH HOH A . 
D 3 HOH 19 219 16 HOH HOH A . 
E 3 HOH 1  101 33 HOH HOH B . 
E 3 HOH 2  102 1  HOH HOH B . 
E 3 HOH 3  103 23 HOH HOH B . 
E 3 HOH 4  104 29 HOH HOH B . 
E 3 HOH 5  105 2  HOH HOH B . 
E 3 HOH 6  106 8  HOH HOH B . 
E 3 HOH 7  107 5  HOH HOH B . 
E 3 HOH 8  108 20 HOH HOH B . 
E 3 HOH 9  109 28 HOH HOH B . 
E 3 HOH 10 110 40 HOH HOH B . 
E 3 HOH 11 111 15 HOH HOH B . 
E 3 HOH 12 112 41 HOH HOH B . 
E 3 HOH 13 113 43 HOH HOH B . 
E 3 HOH 14 114 26 HOH HOH B . 
E 3 HOH 15 115 47 HOH HOH B . 
E 3 HOH 16 116 39 HOH HOH B . 
E 3 HOH 17 117 36 HOH HOH B . 
E 3 HOH 18 118 12 HOH HOH B . 
E 3 HOH 19 119 32 HOH HOH B . 
E 3 HOH 20 120 34 HOH HOH B . 
E 3 HOH 21 121 44 HOH HOH B . 
E 3 HOH 22 122 35 HOH HOH B . 
E 3 HOH 23 123 45 HOH HOH B . 
# 
loop_
_pdbx_struct_assembly.id 
_pdbx_struct_assembly.details 
_pdbx_struct_assembly.method_details 
_pdbx_struct_assembly.oligomeric_details 
_pdbx_struct_assembly.oligomeric_count 
1 author_defined_assembly ? monomeric 1 
2 author_defined_assembly ? monomeric 1 
# 
loop_
_pdbx_struct_assembly_gen.assembly_id 
_pdbx_struct_assembly_gen.oper_expression 
_pdbx_struct_assembly_gen.asym_id_list 
1 1 A,C,D 
2 1 B,E   
# 
_pdbx_struct_oper_list.id                   1 
_pdbx_struct_oper_list.type                 'identity operation' 
_pdbx_struct_oper_list.name                 1_555 
_pdbx_struct_oper_list.symmetry_operation   x,y,z 
_pdbx_struct_oper_list.matrix[1][1]         1.0000000000 
_pdbx_struct_oper_list.matrix[1][2]         0.0000000000 
_pdbx_struct_oper_list.matrix[1][3]         0.0000000000 
_pdbx_struct_oper_list.vector[1]            0.0000000000 
_pdbx_struct_oper_list.matrix[2][1]         0.0000000000 
_pdbx_struct_oper_list.matrix[2][2]         1.0000000000 
_pdbx_struct_oper_list.matrix[2][3]         0.0000000000 
_pdbx_struct_oper_list.vector[2]            0.0000000000 
_pdbx_struct_oper_list.matrix[3][1]         0.0000000000 
_pdbx_struct_oper_list.matrix[3][2]         0.0000000000 
_pdbx_struct_oper_list.matrix[3][3]         1.0000000000 
_pdbx_struct_oper_list.vector[3]            0.0000000000 
# 
loop_
_pdbx_audit_revision_history.ordinal 
_pdbx_audit_revision_history.data_content_type 
_pdbx_audit_revision_history.major_revision 
_pdbx_audit_revision_history.minor_revision 
_pdbx_audit_revision_history.revision_date 
1 'Structure model' 1 0 2023-01-11 
2 'Structure model' 1 1 2023-02-01 
3 'Structure model' 1 2 2023-03-01 
4 'Structure model' 1 3 2023-10-25 
5 'Structure model' 2 0 2023-11-15 
# 
_pdbx_audit_revision_details.ordinal             1 
_pdbx_audit_revision_details.revision_ordinal    1 
_pdbx_audit_revision_details.data_content_type   'Structure model' 
_pdbx_audit_revision_details.provider            repository 
_pdbx_audit_revision_details.type                'Initial release' 
_pdbx_audit_revision_details.description         ? 
_pdbx_audit_revision_details.details             ? 
# 
loop_
_pdbx_audit_revision_group.ordinal 
_pdbx_audit_revision_group.revision_ordinal 
_pdbx_audit_revision_group.data_content_type 
_pdbx_audit_revision_group.group 
1 2 'Structure model' 'Database references'    
2 3 'Structure model' 'Database references'    
3 4 'Structure model' 'Data collection'        
4 4 'Structure model' 'Refinement description' 
5 5 'Structure model' 'Atomic model'           
6 5 'Structure model' 'Data collection'        
7 5 'Structure model' 'Derived calculations'   
# 
loop_
_pdbx_audit_revision_category.ordinal 
_pdbx_audit_revision_category.revision_ordinal 
_pdbx_audit_revision_category.data_content_type 
_pdbx_audit_revision_category.category 
1  2 'Structure model' citation                      
2  2 'Structure model' citation_author               
3  3 'Structure model' citation                      
4  3 'Structure model' citation_author               
5  4 'Structure model' chem_comp_atom                
6  4 'Structure model' chem_comp_bond                
7  4 'Structure model' pdbx_initial_refinement_model 
8  5 'Structure model' atom_site                     
9  5 'Structure model' chem_comp_atom                
10 5 'Structure model' chem_comp_bond                
11 5 'Structure model' struct_conn                   
# 
loop_
_pdbx_audit_revision_item.ordinal 
_pdbx_audit_revision_item.revision_ordinal 
_pdbx_audit_revision_item.data_content_type 
_pdbx_audit_revision_item.item 
1  2 'Structure model' '_citation.pdbx_database_id_DOI'      
2  2 'Structure model' '_citation.pdbx_database_id_PubMed'   
3  2 'Structure model' '_citation.title'                     
4  3 'Structure model' '_citation.journal_volume'            
5  3 'Structure model' '_citation.page_first'                
6  3 'Structure model' '_citation.page_last'                 
7  3 'Structure model' '_citation_author.identifier_ORCID'   
8  5 'Structure model' '_atom_site.auth_atom_id'             
9  5 'Structure model' '_atom_site.label_atom_id'            
10 5 'Structure model' '_chem_comp_atom.atom_id'             
11 5 'Structure model' '_chem_comp_bond.atom_id_2'           
12 5 'Structure model' '_struct_conn.pdbx_leaving_atom_flag' 
# 
loop_
_software.citation_id 
_software.classification 
_software.compiler_name 
_software.compiler_version 
_software.contact_author 
_software.contact_author_email 
_software.date 
_software.description 
_software.dependencies 
_software.hardware 
_software.language 
_software.location 
_software.mods 
_software.name 
_software.os 
_software.os_version 
_software.type 
_software.version 
_software.pdbx_ordinal 
? refinement        ? ? ? ? ? ? ? ? ? ? ? PHENIX      ? ? ? 1.20.1_4487 1 
? 'data extraction' ? ? ? ? ? ? ? ? ? ? ? PDB_EXTRACT ? ? ? 3.27        2 
? 'data reduction'  ? ? ? ? ? ? ? ? ? ? ? XDS         ? ? ? .           3 
? 'data scaling'    ? ? ? ? ? ? ? ? ? ? ? Aimless     ? ? ? .           4 
? phasing           ? ? ? ? ? ? ? ? ? ? ? PHENIX      ? ? ? .           5 
# 
_pdbx_entry_details.entry_id                 8CUG 
_pdbx_entry_details.has_ligand_of_interest   N 
_pdbx_entry_details.compound_details         ? 
_pdbx_entry_details.source_details           ? 
_pdbx_entry_details.nonpolymer_details       ? 
_pdbx_entry_details.sequence_details         ? 
# 
loop_
_pdbx_validate_close_contact.id 
_pdbx_validate_close_contact.PDB_model_num 
_pdbx_validate_close_contact.auth_atom_id_1 
_pdbx_validate_close_contact.auth_asym_id_1 
_pdbx_validate_close_contact.auth_comp_id_1 
_pdbx_validate_close_contact.auth_seq_id_1 
_pdbx_validate_close_contact.PDB_ins_code_1 
_pdbx_validate_close_contact.label_alt_id_1 
_pdbx_validate_close_contact.auth_atom_id_2 
_pdbx_validate_close_contact.auth_asym_id_2 
_pdbx_validate_close_contact.auth_comp_id_2 
_pdbx_validate_close_contact.auth_seq_id_2 
_pdbx_validate_close_contact.PDB_ins_code_2 
_pdbx_validate_close_contact.label_alt_id_2 
_pdbx_validate_close_contact.dist 
1 1 O A HOH 211 ? ? O A HOH 215 ? ? 1.78 
2 1 O A HOH 212 ? ? O A HOH 214 ? ? 1.80 
3 1 O B HOH 112 ? ? O B HOH 114 ? ? 1.88 
4 1 O B HOH 101 ? ? O B HOH 119 ? ? 2.03 
5 1 O A HOH 212 ? ? O A HOH 213 ? ? 2.06 
6 1 O A SER 4   ? ? O A HOH 201 ? ? 2.15 
7 1 O B HOH 108 ? ? O B HOH 118 ? ? 2.15 
# 
loop_
_pdbx_validate_symm_contact.id 
_pdbx_validate_symm_contact.PDB_model_num 
_pdbx_validate_symm_contact.auth_atom_id_1 
_pdbx_validate_symm_contact.auth_asym_id_1 
_pdbx_validate_symm_contact.auth_comp_id_1 
_pdbx_validate_symm_contact.auth_seq_id_1 
_pdbx_validate_symm_contact.PDB_ins_code_1 
_pdbx_validate_symm_contact.label_alt_id_1 
_pdbx_validate_symm_contact.site_symmetry_1 
_pdbx_validate_symm_contact.auth_atom_id_2 
_pdbx_validate_symm_contact.auth_asym_id_2 
_pdbx_validate_symm_contact.auth_comp_id_2 
_pdbx_validate_symm_contact.auth_seq_id_2 
_pdbx_validate_symm_contact.PDB_ins_code_2 
_pdbx_validate_symm_contact.label_alt_id_2 
_pdbx_validate_symm_contact.site_symmetry_2 
_pdbx_validate_symm_contact.dist 
1 1 O A HOH 201 ? ? 1_555 O B HOH 103 ? ? 1_655 1.71 
2 1 O A HOH 214 ? ? 1_555 O B HOH 103 ? ? 1_655 1.75 
3 1 O A HOH 205 ? ? 1_555 O A HOH 216 ? ? 3_655 1.90 
4 1 O A HOH 216 ? ? 1_555 O B HOH 112 ? ? 1_655 1.91 
5 1 O A HOH 215 ? ? 1_555 O B HOH 110 ? ? 1_655 2.01 
# 
loop_
_chem_comp_atom.comp_id 
_chem_comp_atom.atom_id 
_chem_comp_atom.type_symbol 
_chem_comp_atom.pdbx_aromatic_flag 
_chem_comp_atom.pdbx_stereo_config 
_chem_comp_atom.pdbx_ordinal 
ACT C    C N N 1   
ACT O    O N N 2   
ACT OXT  O N N 3   
ACT CH3  C N N 4   
ACT H1   H N N 5   
ACT H2   H N N 6   
ACT H3   H N N 7   
ALA N    N N N 8   
ALA CA   C N S 9   
ALA C    C N N 10  
ALA O    O N N 11  
ALA CB   C N N 12  
ALA OXT  O N N 13  
ALA H    H N N 14  
ALA H2   H N N 15  
ALA HA   H N N 16  
ALA HB1  H N N 17  
ALA HB2  H N N 18  
ALA HB3  H N N 19  
ALA HXT  H N N 20  
DLE N    N N N 21  
DLE CA   C N R 22  
DLE CB   C N N 23  
DLE CG   C N N 24  
DLE CD1  C N N 25  
DLE CD2  C N N 26  
DLE C    C N N 27  
DLE O    O N N 28  
DLE OXT  O N N 29  
DLE H    H N N 30  
DLE H2   H N N 31  
DLE HA   H N N 32  
DLE HB2  H N N 33  
DLE HB3  H N N 34  
DLE HG   H N N 35  
DLE HD11 H N N 36  
DLE HD12 H N N 37  
DLE HD13 H N N 38  
DLE HD21 H N N 39  
DLE HD22 H N N 40  
DLE HD23 H N N 41  
DLE HXT  H N N 42  
DLY N    N N N 43  
DLY CA   C N R 44  
DLY C    C N N 45  
DLY O    O N N 46  
DLY CB   C N N 47  
DLY CG   C N N 48  
DLY CD   C N N 49  
DLY CE   C N N 50  
DLY NZ   N N N 51  
DLY OXT  O N N 52  
DLY H    H N N 53  
DLY H2   H N N 54  
DLY HA   H N N 55  
DLY HB2  H N N 56  
DLY HB3  H N N 57  
DLY HG2  H N N 58  
DLY HG3  H N N 59  
DLY HD2  H N N 60  
DLY HD3  H N N 61  
DLY HE2  H N N 62  
DLY HE3  H N N 63  
DLY HZ1  H N N 64  
DLY HZ2  H N N 65  
DLY HXT  H N N 66  
HOH O    O N N 67  
HOH H1   H N N 68  
HOH H2   H N N 69  
LEU N    N N N 70  
LEU CA   C N S 71  
LEU C    C N N 72  
LEU O    O N N 73  
LEU CB   C N N 74  
LEU CG   C N N 75  
LEU CD1  C N N 76  
LEU CD2  C N N 77  
LEU OXT  O N N 78  
LEU H    H N N 79  
LEU H2   H N N 80  
LEU HA   H N N 81  
LEU HB2  H N N 82  
LEU HB3  H N N 83  
LEU HG   H N N 84  
LEU HD11 H N N 85  
LEU HD12 H N N 86  
LEU HD13 H N N 87  
LEU HD21 H N N 88  
LEU HD22 H N N 89  
LEU HD23 H N N 90  
LEU HXT  H N N 91  
OWF N    N N N 92  
OWF CA   C N R 93  
OWF C    C N N 94  
OWF O    O N N 95  
OWF CB   C N S 96  
OWF OB1  O N N 97  
OWF CG   C N N 98  
OWF OD1  O N N 99  
OWF ND2  N N N 100 
OWF OXT  O N N 101 
OWF H    H N N 102 
OWF H2   H N N 103 
OWF HA   H N N 104 
OWF HB1  H N N 105 
OWF H3   H N N 106 
OWF HD22 H N N 107 
OWF HD21 H N N 108 
OWF HXT  H N N 109 
PHE N    N N N 110 
PHE CA   C N S 111 
PHE C    C N N 112 
PHE O    O N N 113 
PHE CB   C N N 114 
PHE CG   C Y N 115 
PHE CD1  C Y N 116 
PHE CD2  C Y N 117 
PHE CE1  C Y N 118 
PHE CE2  C Y N 119 
PHE CZ   C Y N 120 
PHE OXT  O N N 121 
PHE H    H N N 122 
PHE H2   H N N 123 
PHE HA   H N N 124 
PHE HB2  H N N 125 
PHE HB3  H N N 126 
PHE HD1  H N N 127 
PHE HD2  H N N 128 
PHE HE1  H N N 129 
PHE HE2  H N N 130 
PHE HZ   H N N 131 
PHE HXT  H N N 132 
SER N    N N N 133 
SER CA   C N S 134 
SER C    C N N 135 
SER O    O N N 136 
SER CB   C N N 137 
SER OG   O N N 138 
SER OXT  O N N 139 
SER H    H N N 140 
SER H2   H N N 141 
SER HA   H N N 142 
SER HB2  H N N 143 
SER HB3  H N N 144 
SER HG   H N N 145 
SER HXT  H N N 146 
# 
loop_
_chem_comp_bond.comp_id 
_chem_comp_bond.atom_id_1 
_chem_comp_bond.atom_id_2 
_chem_comp_bond.value_order 
_chem_comp_bond.pdbx_aromatic_flag 
_chem_comp_bond.pdbx_stereo_config 
_chem_comp_bond.pdbx_ordinal 
ACT C   O    doub N N 1   
ACT C   OXT  sing N N 2   
ACT C   CH3  sing N N 3   
ACT CH3 H1   sing N N 4   
ACT CH3 H2   sing N N 5   
ACT CH3 H3   sing N N 6   
ALA N   CA   sing N N 7   
ALA N   H    sing N N 8   
ALA N   H2   sing N N 9   
ALA CA  C    sing N N 10  
ALA CA  CB   sing N N 11  
ALA CA  HA   sing N N 12  
ALA C   O    doub N N 13  
ALA C   OXT  sing N N 14  
ALA CB  HB1  sing N N 15  
ALA CB  HB2  sing N N 16  
ALA CB  HB3  sing N N 17  
ALA OXT HXT  sing N N 18  
DLE N   CA   sing N N 19  
DLE N   H    sing N N 20  
DLE N   H2   sing N N 21  
DLE CA  CB   sing N N 22  
DLE CA  C    sing N N 23  
DLE CA  HA   sing N N 24  
DLE CB  CG   sing N N 25  
DLE CB  HB2  sing N N 26  
DLE CB  HB3  sing N N 27  
DLE CG  CD1  sing N N 28  
DLE CG  CD2  sing N N 29  
DLE CG  HG   sing N N 30  
DLE CD1 HD11 sing N N 31  
DLE CD1 HD12 sing N N 32  
DLE CD1 HD13 sing N N 33  
DLE CD2 HD21 sing N N 34  
DLE CD2 HD22 sing N N 35  
DLE CD2 HD23 sing N N 36  
DLE C   O    doub N N 37  
DLE C   OXT  sing N N 38  
DLE OXT HXT  sing N N 39  
DLY N   CA   sing N N 40  
DLY N   H    sing N N 41  
DLY N   H2   sing N N 42  
DLY CA  C    sing N N 43  
DLY CA  CB   sing N N 44  
DLY CA  HA   sing N N 45  
DLY C   O    doub N N 46  
DLY C   OXT  sing N N 47  
DLY CB  CG   sing N N 48  
DLY CB  HB2  sing N N 49  
DLY CB  HB3  sing N N 50  
DLY CG  CD   sing N N 51  
DLY CG  HG2  sing N N 52  
DLY CG  HG3  sing N N 53  
DLY CD  CE   sing N N 54  
DLY CD  HD2  sing N N 55  
DLY CD  HD3  sing N N 56  
DLY CE  NZ   sing N N 57  
DLY CE  HE2  sing N N 58  
DLY CE  HE3  sing N N 59  
DLY NZ  HZ1  sing N N 60  
DLY NZ  HZ2  sing N N 61  
DLY OXT HXT  sing N N 62  
HOH O   H1   sing N N 63  
HOH O   H2   sing N N 64  
LEU N   CA   sing N N 65  
LEU N   H    sing N N 66  
LEU N   H2   sing N N 67  
LEU CA  C    sing N N 68  
LEU CA  CB   sing N N 69  
LEU CA  HA   sing N N 70  
LEU C   O    doub N N 71  
LEU C   OXT  sing N N 72  
LEU CB  CG   sing N N 73  
LEU CB  HB2  sing N N 74  
LEU CB  HB3  sing N N 75  
LEU CG  CD1  sing N N 76  
LEU CG  CD2  sing N N 77  
LEU CG  HG   sing N N 78  
LEU CD1 HD11 sing N N 79  
LEU CD1 HD12 sing N N 80  
LEU CD1 HD13 sing N N 81  
LEU CD2 HD21 sing N N 82  
LEU CD2 HD22 sing N N 83  
LEU CD2 HD23 sing N N 84  
LEU OXT HXT  sing N N 85  
OWF OD1 CG   doub N N 86  
OWF OB1 CB   sing N N 87  
OWF CG  CB   sing N N 88  
OWF CG  ND2  sing N N 89  
OWF CB  CA   sing N N 90  
OWF O   C    doub N N 91  
OWF CA  C    sing N N 92  
OWF CA  N    sing N N 93  
OWF C   OXT  sing N N 94  
OWF N   H    sing N N 95  
OWF N   H2   sing N N 96  
OWF CA  HA   sing N N 97  
OWF CB  HB1  sing N N 98  
OWF OB1 H3   sing N N 99  
OWF ND2 HD22 sing N N 100 
OWF ND2 HD21 sing N N 101 
OWF OXT HXT  sing N N 102 
PHE N   CA   sing N N 103 
PHE N   H    sing N N 104 
PHE N   H2   sing N N 105 
PHE CA  C    sing N N 106 
PHE CA  CB   sing N N 107 
PHE CA  HA   sing N N 108 
PHE C   O    doub N N 109 
PHE C   OXT  sing N N 110 
PHE CB  CG   sing N N 111 
PHE CB  HB2  sing N N 112 
PHE CB  HB3  sing N N 113 
PHE CG  CD1  doub Y N 114 
PHE CG  CD2  sing Y N 115 
PHE CD1 CE1  sing Y N 116 
PHE CD1 HD1  sing N N 117 
PHE CD2 CE2  doub Y N 118 
PHE CD2 HD2  sing N N 119 
PHE CE1 CZ   doub Y N 120 
PHE CE1 HE1  sing N N 121 
PHE CE2 CZ   sing Y N 122 
PHE CE2 HE2  sing N N 123 
PHE CZ  HZ   sing N N 124 
PHE OXT HXT  sing N N 125 
SER N   CA   sing N N 126 
SER N   H    sing N N 127 
SER N   H2   sing N N 128 
SER CA  C    sing N N 129 
SER CA  CB   sing N N 130 
SER CA  HA   sing N N 131 
SER C   O    doub N N 132 
SER C   OXT  sing N N 133 
SER CB  OG   sing N N 134 
SER CB  HB2  sing N N 135 
SER CB  HB3  sing N N 136 
SER OG  HG   sing N N 137 
SER OXT HXT  sing N N 138 
# 
_pdbx_audit_support.funding_organization   'Not funded' 
_pdbx_audit_support.country                ? 
_pdbx_audit_support.grant_number           ? 
_pdbx_audit_support.ordinal                1 
# 
loop_
_pdbx_entity_nonpoly.entity_id 
_pdbx_entity_nonpoly.name 
_pdbx_entity_nonpoly.comp_id 
2 'ACETATE ION' ACT 
3 water         HOH 
# 
_pdbx_initial_refinement_model.id               1 
_pdbx_initial_refinement_model.entity_id_list   ? 
_pdbx_initial_refinement_model.type             'experimental model' 
_pdbx_initial_refinement_model.source_name      PDB 
_pdbx_initial_refinement_model.accession_code   8CUF 
_pdbx_initial_refinement_model.details          'PDB entry 8CUF' 
# 
_pdbx_struct_assembly_auth_evidence.id                     1 
_pdbx_struct_assembly_auth_evidence.assembly_id            1 
_pdbx_struct_assembly_auth_evidence.experimental_support   none 
_pdbx_struct_assembly_auth_evidence.details                ? 
# 
